data_9M7V
#
_entry.id   9M7V
#
_cell.length_a   1.00
_cell.length_b   1.00
_cell.length_c   1.00
_cell.angle_alpha   90.00
_cell.angle_beta   90.00
_cell.angle_gamma   90.00
#
_symmetry.space_group_name_H-M   'P 1'
#
loop_
_entity.id
_entity.type
_entity.pdbx_description
1 polymer 'The light chain of Fab CT11F9'
2 polymer 'The heavy chain of Fab CT11F9'
3 polymer 'Capsid protein VP1'
4 polymer 'Capsid protein VP2'
5 polymer 'Capsid protein VP3'
6 polymer 'Capsid protein VP4'
7 non-polymer SPHINGOSINE
#
loop_
_entity_poly.entity_id
_entity_poly.type
_entity_poly.pdbx_seq_one_letter_code
_entity_poly.pdbx_strand_id
1 'polypeptide(L)'
;QIVLTQSPAIMSASPGEKVTISCSASSSVRYMYWYQQKPGSAPKPWIYRTSNLASGVPARFSGSGSGTSYSLTISSMEAE
DAATYYCQQYHSYPLTFGAGTKLELK
;
L
2 'polypeptide(L)'
;DVQLQESGPGLVKPSQSLSLTCSVTGYSITSGYYWNWIRQFPGNKLEWMGYINYGGSNFYNPSLKNRISITRDTSRNQFF
LKLNSVTTEDTATYYCARGGYYDYDGDYWGQGTTLTVSS
;
H
3 'polypeptide(L)'
;GDRVADVIESSIGDSVSRALTHALPAPTGQDTQVSSHRLDTGKVPALQAAEIGASSNASDESMIETRCVLNSHSTAETTL
DSFFSRAGLVGEIDLPLKGTTNPNGYANWDIDITGYAQMRRKVELFTYMRFDAEFTFVACTPTGEVVPQLLQYMFVPPGA
PKPDSRESLAWQTATNPSVFVKLSDPPAQVSVPFMSPASAYQWFYDGYPTFGEHKQEKDLEYGACPNNMMGTFSVRTVGT
SKSKYPLVVRIYMRMKHVRAWIPRPMRNQNYLFKANPNYAGNSIKPTGTSRTAITTL
;
A
4 'polypeptide(L)'
;SPSAEACGYSDRVAQLTIGNSTITTQEAANIIVGYGEWPSYCSDSDATAVDKPTRPDVSVNRFYTLDTKLWEKSSKGWYW
KFPDVLTETGVFGQNAQFHYLYRSGFCIHVQCNASKFHQGALLVAVLPEYVIGTVAGGTGTEDSHPPYKQTQPGADGFEL
QHPYVLDAGIPISQLTVCPHQWINLRTNNCATIIVPYINALPFDSALNHCNFGLLVVPISPLDYDQGATPVIPITITLAP
MCSEFAGLRQAVTQ
;
B
5 'polypeptide(L)'
;GFPTELKPGTNQFLTTDDGVSAPILPNFHPTPCIHIPGEVRNLLELCQVETILEVNNVPTNATSLMERLRFPVSAQAGKG
ELCAVFRADPGRNGPWQSTLLGQLCGYYTQWSGSLEVTFMFTGSFMATGKMLIAYTPPGGPLPKDRATAMLGTHVIWDFG
LQSSVTLVIPWISNTHYRAHARDGVFDYYTTGLVSIWYQTNYVVPIGAPNTAYIIALAAAQKNFTMKLCKDASDILQTGT
IQ
;
C
6 'polypeptide(L)' MGSQVSTQRSGSHENSNSATEGSTINYTTINYYKDSYAATAGKQSLKQDPDKFANPVKDIFTEMAAPLK D
#
# COMPACT_ATOMS: atom_id res chain seq x y z
N GLN A 1 10.44 31.83 -10.03
CA GLN A 1 10.66 31.77 -8.60
C GLN A 1 9.46 32.36 -7.85
N ILE A 2 9.13 31.77 -6.71
CA ILE A 2 8.04 32.26 -5.88
C ILE A 2 8.54 33.40 -5.01
N VAL A 3 7.76 34.48 -4.95
CA VAL A 3 8.13 35.68 -4.20
C VAL A 3 7.21 35.80 -2.99
N LEU A 4 7.79 35.93 -1.81
CA LEU A 4 7.05 36.08 -0.56
C LEU A 4 7.18 37.50 -0.07
N THR A 5 6.06 38.10 0.32
CA THR A 5 6.02 39.48 0.80
C THR A 5 5.56 39.48 2.25
N GLN A 6 6.35 40.10 3.12
CA GLN A 6 6.03 40.20 4.53
C GLN A 6 5.65 41.63 4.89
N SER A 7 4.69 41.76 5.80
CA SER A 7 4.22 43.07 6.24
C SER A 7 3.67 42.96 7.64
N PRO A 8 3.92 43.95 8.51
CA PRO A 8 4.73 45.14 8.23
C PRO A 8 6.22 44.87 8.37
N ALA A 9 7.05 45.79 7.86
CA ALA A 9 8.49 45.61 7.96
C ALA A 9 8.98 45.71 9.40
N ILE A 10 8.46 46.69 10.15
CA ILE A 10 8.86 46.93 11.54
C ILE A 10 7.62 47.04 12.39
N MET A 11 7.60 46.34 13.52
CA MET A 11 6.49 46.40 14.45
C MET A 11 7.03 46.58 15.88
N SER A 12 6.34 47.42 16.65
CA SER A 12 6.65 47.62 18.06
C SER A 12 5.42 47.32 18.88
N ALA A 13 5.61 46.64 20.01
CA ALA A 13 4.50 46.24 20.85
C ALA A 13 4.91 46.30 22.31
N SER A 14 3.91 46.35 23.19
CA SER A 14 4.09 46.37 24.62
C SER A 14 3.73 45.01 25.22
N PRO A 15 4.32 44.65 26.36
CA PRO A 15 4.02 43.34 26.95
C PRO A 15 2.54 43.17 27.26
N GLY A 16 2.04 41.96 27.02
CA GLY A 16 0.64 41.65 27.24
C GLY A 16 -0.28 41.98 26.08
N GLU A 17 0.24 42.58 25.02
CA GLU A 17 -0.60 42.97 23.89
C GLU A 17 -0.75 41.80 22.92
N LYS A 18 -1.39 42.07 21.78
CA LYS A 18 -1.63 41.09 20.74
C LYS A 18 -0.78 41.44 19.53
N VAL A 19 -0.02 40.47 19.04
CA VAL A 19 0.88 40.66 17.90
C VAL A 19 0.46 39.74 16.78
N THR A 20 0.44 40.27 15.55
CA THR A 20 0.06 39.50 14.39
C THR A 20 0.83 40.00 13.18
N ILE A 21 1.49 39.09 12.47
CA ILE A 21 2.23 39.40 11.27
C ILE A 21 1.73 38.53 10.14
N SER A 22 1.93 38.98 8.91
CA SER A 22 1.40 38.32 7.73
C SER A 22 2.48 38.14 6.68
N CYS A 23 2.35 37.05 5.92
CA CYS A 23 3.24 36.76 4.79
C CYS A 23 2.38 36.35 3.62
N SER A 24 2.62 36.96 2.45
CA SER A 24 1.81 36.72 1.27
C SER A 24 2.69 36.18 0.14
N ALA A 25 2.15 35.21 -0.59
CA ALA A 25 2.88 34.54 -1.65
C ALA A 25 2.27 34.88 -3.01
N SER A 26 3.12 34.87 -4.04
CA SER A 26 2.67 35.16 -5.40
C SER A 26 1.95 33.99 -6.05
N SER A 27 1.96 32.81 -5.42
CA SER A 27 1.27 31.65 -5.96
C SER A 27 0.80 30.78 -4.80
N SER A 28 -0.18 29.94 -5.09
CA SER A 28 -0.73 29.06 -4.07
C SER A 28 0.31 28.04 -3.62
N VAL A 29 0.39 27.83 -2.31
CA VAL A 29 1.31 26.87 -1.72
C VAL A 29 0.56 26.02 -0.71
N ARG A 30 1.08 24.81 -0.48
CA ARG A 30 0.42 23.89 0.44
C ARG A 30 0.60 24.31 1.88
N TYR A 31 1.81 24.74 2.25
CA TYR A 31 2.13 25.08 3.64
C TYR A 31 3.02 26.30 3.67
N MET A 32 3.23 26.81 4.88
CA MET A 32 4.13 27.92 5.14
C MET A 32 4.94 27.61 6.39
N TYR A 33 6.19 28.06 6.40
CA TYR A 33 7.12 27.77 7.49
C TYR A 33 7.70 29.06 8.02
N TRP A 34 8.00 29.10 9.31
CA TRP A 34 8.46 30.31 9.98
C TRP A 34 9.76 30.06 10.70
N TYR A 35 10.57 31.11 10.82
CA TYR A 35 11.85 31.07 11.51
C TYR A 35 11.95 32.25 12.47
N GLN A 36 12.79 32.09 13.48
CA GLN A 36 13.11 33.16 14.42
C GLN A 36 14.62 33.27 14.56
N GLN A 37 15.14 34.49 14.54
CA GLN A 37 16.58 34.73 14.59
C GLN A 37 16.87 35.85 15.57
N LYS A 38 17.48 35.50 16.72
CA LYS A 38 18.03 36.49 17.62
C LYS A 38 19.33 37.05 17.05
N PRO A 39 19.66 38.30 17.36
CA PRO A 39 20.91 38.87 16.83
C PRO A 39 22.12 38.09 17.32
N GLY A 40 23.10 37.93 16.41
CA GLY A 40 24.33 37.26 16.73
C GLY A 40 24.31 35.75 16.62
N SER A 41 23.16 35.15 16.32
CA SER A 41 23.02 33.70 16.22
C SER A 41 22.45 33.34 14.85
N ALA A 42 22.15 32.05 14.68
CA ALA A 42 21.59 31.50 13.45
C ALA A 42 20.07 31.35 13.56
N PRO A 43 19.36 31.43 12.44
CA PRO A 43 17.91 31.25 12.49
C PRO A 43 17.53 29.86 12.99
N LYS A 44 16.43 29.79 13.73
CA LYS A 44 15.93 28.55 14.28
C LYS A 44 14.50 28.31 13.81
N PRO A 45 14.17 27.10 13.36
CA PRO A 45 12.79 26.83 12.94
C PRO A 45 11.81 27.05 14.08
N TRP A 46 10.69 27.70 13.77
CA TRP A 46 9.67 28.04 14.76
C TRP A 46 8.35 27.34 14.48
N ILE A 47 7.79 27.51 13.29
CA ILE A 47 6.51 26.93 12.92
C ILE A 47 6.67 26.19 11.60
N TYR A 48 6.14 24.97 11.52
CA TYR A 48 6.13 24.23 10.28
C TYR A 48 4.73 23.69 10.03
N ARG A 49 4.35 23.67 8.74
CA ARG A 49 3.03 23.26 8.29
C ARG A 49 1.93 24.18 8.81
N THR A 50 2.31 25.40 9.19
CA THR A 50 1.43 26.50 9.55
C THR A 50 0.73 26.30 10.89
N SER A 51 0.83 25.11 11.46
CA SER A 51 0.15 24.89 12.74
C SER A 51 1.05 24.27 13.79
N ASN A 52 1.94 23.36 13.40
CA ASN A 52 2.70 22.59 14.38
C ASN A 52 3.78 23.44 15.01
N LEU A 53 3.94 23.26 16.33
CA LEU A 53 4.95 23.99 17.09
C LEU A 53 6.25 23.21 17.12
N ALA A 54 7.36 23.92 16.90
CA ALA A 54 8.65 23.27 16.99
C ALA A 54 8.97 22.94 18.45
N SER A 55 9.96 22.08 18.64
CA SER A 55 10.35 21.65 19.98
C SER A 55 10.93 22.82 20.76
N GLY A 56 10.51 22.95 22.02
CA GLY A 56 11.00 24.01 22.86
C GLY A 56 10.43 25.39 22.56
N VAL A 57 9.27 25.46 21.93
CA VAL A 57 8.64 26.73 21.59
C VAL A 57 7.48 26.95 22.56
N PRO A 58 7.35 28.15 23.14
CA PRO A 58 6.24 28.39 24.08
C PRO A 58 4.88 28.23 23.40
N ALA A 59 3.91 27.80 24.20
CA ALA A 59 2.58 27.47 23.67
C ALA A 59 1.79 28.71 23.26
N ARG A 60 2.25 29.91 23.58
CA ARG A 60 1.51 31.11 23.20
C ARG A 60 1.60 31.42 21.71
N PHE A 61 2.53 30.80 20.99
CA PHE A 61 2.64 30.99 19.56
C PHE A 61 1.64 30.11 18.81
N SER A 62 1.13 30.65 17.71
CA SER A 62 0.24 29.89 16.84
C SER A 62 0.24 30.52 15.46
N GLY A 63 -0.15 29.72 14.47
CA GLY A 63 -0.19 30.19 13.10
C GLY A 63 -1.41 29.64 12.38
N SER A 64 -1.74 30.30 11.27
CA SER A 64 -2.89 29.91 10.47
C SER A 64 -2.74 30.51 9.08
N GLY A 65 -3.64 30.13 8.19
CA GLY A 65 -3.64 30.64 6.84
C GLY A 65 -3.85 29.57 5.79
N SER A 66 -4.17 29.99 4.56
CA SER A 66 -4.39 29.05 3.46
C SER A 66 -4.22 29.79 2.15
N GLY A 67 -4.04 29.02 1.09
CA GLY A 67 -3.90 29.59 -0.24
C GLY A 67 -2.65 30.42 -0.41
N THR A 68 -2.81 31.73 -0.55
CA THR A 68 -1.70 32.65 -0.72
C THR A 68 -1.53 33.60 0.46
N SER A 69 -2.29 33.41 1.53
CA SER A 69 -2.23 34.30 2.69
C SER A 69 -2.02 33.46 3.95
N TYR A 70 -0.99 33.81 4.72
CA TYR A 70 -0.70 33.13 5.97
C TYR A 70 -0.33 34.16 7.01
N SER A 71 -0.54 33.82 8.28
CA SER A 71 -0.32 34.75 9.37
C SER A 71 0.31 34.04 10.57
N LEU A 72 1.06 34.80 11.35
CA LEU A 72 1.64 34.34 12.60
C LEU A 72 1.21 35.29 13.71
N THR A 73 0.71 34.75 14.81
CA THR A 73 0.18 35.55 15.89
C THR A 73 0.75 35.10 17.23
N ILE A 74 0.84 36.04 18.16
CA ILE A 74 1.32 35.78 19.51
C ILE A 74 0.23 36.24 20.47
N SER A 75 -0.20 35.34 21.36
CA SER A 75 -1.28 35.65 22.28
C SER A 75 -0.87 36.73 23.27
N SER A 76 0.30 36.59 23.89
CA SER A 76 0.80 37.54 24.87
C SER A 76 2.24 37.88 24.55
N MET A 77 2.58 39.16 24.70
CA MET A 77 3.91 39.66 24.36
C MET A 77 4.80 39.64 25.61
N GLU A 78 5.96 39.01 25.48
CA GLU A 78 6.99 39.05 26.52
C GLU A 78 8.24 39.72 26.00
N ALA A 79 9.18 39.98 26.92
CA ALA A 79 10.44 40.58 26.53
C ALA A 79 11.33 39.56 25.82
N GLU A 80 11.23 38.29 26.19
CA GLU A 80 12.09 37.25 25.62
C GLU A 80 11.87 37.06 24.13
N ASP A 81 10.62 37.04 23.67
CA ASP A 81 10.31 36.74 22.27
C ASP A 81 10.21 38.05 21.50
N ALA A 82 11.37 38.61 21.18
CA ALA A 82 11.47 39.83 20.37
C ALA A 82 12.67 39.69 19.46
N ALA A 83 12.44 39.37 18.20
CA ALA A 83 13.51 39.15 17.22
C ALA A 83 12.91 39.29 15.83
N THR A 84 13.68 38.91 14.82
CA THR A 84 13.25 38.98 13.43
C THR A 84 12.66 37.64 13.01
N TYR A 85 11.52 37.69 12.31
CA TYR A 85 10.81 36.51 11.87
C TYR A 85 10.74 36.46 10.35
N TYR A 86 10.89 35.26 9.80
CA TYR A 86 10.87 35.05 8.35
C TYR A 86 9.84 33.99 7.99
N CYS A 87 9.32 34.09 6.77
CA CYS A 87 8.45 33.07 6.19
C CYS A 87 9.15 32.42 5.02
N GLN A 88 9.12 31.09 4.98
CA GLN A 88 9.83 30.31 3.99
C GLN A 88 8.92 29.22 3.43
N GLN A 89 9.11 28.89 2.15
CA GLN A 89 8.25 27.96 1.45
C GLN A 89 9.04 26.79 0.89
N TYR A 90 8.42 25.61 0.86
CA TYR A 90 8.99 24.41 0.28
C TYR A 90 8.26 23.95 -0.97
N HIS A 91 7.45 24.81 -1.59
CA HIS A 91 6.62 24.37 -2.71
C HIS A 91 7.46 24.01 -3.93
N SER A 92 8.44 24.85 -4.28
CA SER A 92 9.24 24.60 -5.48
C SER A 92 10.63 25.18 -5.28
N TYR A 93 11.56 24.65 -6.08
CA TYR A 93 12.94 25.14 -6.05
C TYR A 93 13.11 26.28 -7.05
N PRO A 94 13.95 27.28 -6.74
CA PRO A 94 14.75 27.41 -5.52
C PRO A 94 13.93 27.82 -4.32
N LEU A 95 14.36 27.42 -3.12
CA LEU A 95 13.69 27.85 -1.91
C LEU A 95 13.91 29.34 -1.69
N THR A 96 12.85 30.03 -1.27
CA THR A 96 12.88 31.48 -1.10
C THR A 96 12.42 31.84 0.30
N PHE A 97 12.96 32.94 0.81
CA PHE A 97 12.63 33.45 2.13
C PHE A 97 11.92 34.80 2.00
N GLY A 98 11.25 35.20 3.08
CA GLY A 98 10.65 36.51 3.13
C GLY A 98 11.66 37.60 3.46
N ALA A 99 11.17 38.84 3.44
CA ALA A 99 12.05 39.97 3.76
C ALA A 99 12.38 40.03 5.24
N GLY A 100 11.48 39.57 6.09
CA GLY A 100 11.70 39.59 7.53
C GLY A 100 10.94 40.71 8.21
N THR A 101 10.52 40.44 9.44
CA THR A 101 9.81 41.41 10.26
C THR A 101 10.53 41.57 11.59
N LYS A 102 10.93 42.80 11.90
CA LYS A 102 11.62 43.08 13.15
C LYS A 102 10.59 43.48 14.21
N LEU A 103 10.66 42.82 15.37
CA LEU A 103 9.72 43.09 16.45
C LEU A 103 10.44 43.73 17.63
N VAL B 2 22.85 15.14 16.06
CA VAL B 2 23.57 15.59 14.88
C VAL B 2 24.10 17.00 15.10
N GLN B 3 25.37 17.22 14.76
CA GLN B 3 26.01 18.51 14.93
C GLN B 3 26.73 18.88 13.64
N LEU B 4 26.64 20.14 13.25
CA LEU B 4 27.30 20.65 12.06
C LEU B 4 28.23 21.80 12.43
N GLN B 5 29.42 21.81 11.83
CA GLN B 5 30.40 22.85 12.10
C GLN B 5 31.03 23.29 10.79
N GLU B 6 31.03 24.59 10.53
CA GLU B 6 31.62 25.14 9.32
C GLU B 6 33.06 25.58 9.58
N SER B 7 33.85 25.62 8.51
CA SER B 7 35.23 26.07 8.59
C SER B 7 35.66 26.57 7.22
N GLY B 8 36.63 27.48 7.23
CA GLY B 8 37.16 28.04 6.00
C GLY B 8 37.85 29.36 6.23
N PRO B 9 38.47 29.90 5.17
CA PRO B 9 39.14 31.19 5.30
C PRO B 9 38.16 32.32 5.59
N GLY B 10 38.64 33.31 6.33
CA GLY B 10 37.80 34.44 6.69
C GLY B 10 38.00 35.64 5.79
N LEU B 11 39.02 35.60 4.93
CA LEU B 11 39.32 36.70 4.02
C LEU B 11 39.83 36.12 2.71
N VAL B 12 39.24 36.57 1.60
CA VAL B 12 39.60 36.12 0.27
C VAL B 12 39.75 37.33 -0.64
N LYS B 13 40.84 37.35 -1.40
CA LYS B 13 41.05 38.42 -2.36
C LYS B 13 40.06 38.32 -3.51
N PRO B 14 39.72 39.43 -4.14
CA PRO B 14 38.78 39.38 -5.26
C PRO B 14 39.33 38.57 -6.43
N SER B 15 38.42 37.98 -7.20
CA SER B 15 38.73 37.15 -8.37
C SER B 15 39.49 35.88 -8.00
N GLN B 16 39.37 35.43 -6.77
CA GLN B 16 39.98 34.18 -6.33
C GLN B 16 38.91 33.09 -6.26
N SER B 17 39.29 31.94 -5.73
CA SER B 17 38.39 30.79 -5.57
C SER B 17 38.11 30.56 -4.10
N LEU B 18 36.87 30.20 -3.78
CA LEU B 18 36.42 29.97 -2.43
C LEU B 18 36.23 28.49 -2.18
N SER B 19 36.42 28.06 -0.93
CA SER B 19 36.23 26.67 -0.55
C SER B 19 35.86 26.61 0.92
N LEU B 20 34.71 26.03 1.23
CA LEU B 20 34.23 25.89 2.60
C LEU B 20 34.03 24.41 2.91
N THR B 21 34.08 24.10 4.20
CA THR B 21 33.98 22.73 4.68
C THR B 21 32.99 22.64 5.83
N CYS B 22 32.16 21.60 5.80
CA CYS B 22 31.22 21.32 6.88
C CYS B 22 31.46 19.90 7.39
N SER B 23 31.55 19.74 8.70
CA SER B 23 31.79 18.46 9.33
C SER B 23 30.54 18.01 10.07
N VAL B 24 30.12 16.78 9.83
CA VAL B 24 28.90 16.22 10.41
C VAL B 24 29.28 15.15 11.41
N THR B 25 28.66 15.21 12.59
CA THR B 25 28.92 14.26 13.66
C THR B 25 27.60 13.72 14.18
N GLY B 26 27.56 12.41 14.44
CA GLY B 26 26.39 11.77 14.97
C GLY B 26 25.41 11.24 13.93
N TYR B 27 25.71 11.40 12.65
CA TYR B 27 24.83 10.91 11.60
C TYR B 27 25.64 10.76 10.32
N SER B 28 25.34 9.73 9.54
CA SER B 28 26.04 9.48 8.29
C SER B 28 25.33 10.21 7.15
N ILE B 29 26.09 10.94 6.35
CA ILE B 29 25.51 11.72 5.26
C ILE B 29 24.98 10.86 4.13
N THR B 30 25.21 9.55 4.18
CA THR B 30 24.71 8.63 3.16
C THR B 30 23.41 7.94 3.58
N SER B 31 22.87 8.26 4.74
CA SER B 31 21.67 7.59 5.23
C SER B 31 20.37 8.30 4.86
N GLY B 32 20.44 9.55 4.41
CA GLY B 32 19.24 10.25 4.01
C GLY B 32 19.42 11.74 4.13
N TYR B 33 18.28 12.44 4.01
CA TYR B 33 18.18 13.89 4.19
C TYR B 33 18.88 14.65 3.07
N TYR B 34 18.67 15.97 3.03
CA TYR B 34 19.29 16.85 2.06
C TYR B 34 20.13 17.87 2.79
N TRP B 35 21.33 18.13 2.29
CA TRP B 35 22.31 18.99 2.95
C TRP B 35 22.47 20.26 2.12
N ASN B 36 22.08 21.39 2.69
CA ASN B 36 21.94 22.65 1.98
C ASN B 36 23.05 23.63 2.37
N TRP B 37 23.24 24.63 1.51
CA TRP B 37 24.11 25.77 1.79
C TRP B 37 23.29 27.04 1.65
N ILE B 38 23.28 27.86 2.71
CA ILE B 38 22.50 29.09 2.75
C ILE B 38 23.38 30.20 3.29
N ARG B 39 23.27 31.39 2.71
CA ARG B 39 24.03 32.56 3.14
C ARG B 39 23.09 33.72 3.45
N GLN B 40 23.53 34.57 4.38
CA GLN B 40 22.76 35.74 4.80
C GLN B 40 23.57 37.00 4.53
N PHE B 41 23.06 37.86 3.67
CA PHE B 41 23.76 39.08 3.29
C PHE B 41 23.77 40.07 4.45
N PRO B 42 24.68 41.06 4.42
CA PRO B 42 24.72 42.04 5.50
C PRO B 42 23.43 42.81 5.69
N GLY B 43 22.57 42.87 4.68
CA GLY B 43 21.27 43.47 4.81
C GLY B 43 20.21 42.57 5.43
N ASN B 44 20.63 41.46 6.04
CA ASN B 44 19.73 40.49 6.66
C ASN B 44 18.78 39.87 5.64
N LYS B 45 19.31 39.54 4.47
CA LYS B 45 18.55 38.88 3.41
C LYS B 45 19.12 37.49 3.19
N LEU B 46 18.23 36.49 3.16
CA LEU B 46 18.63 35.09 3.05
C LEU B 46 18.47 34.61 1.62
N GLU B 47 19.44 33.82 1.16
CA GLU B 47 19.41 33.25 -0.18
C GLU B 47 19.84 31.80 -0.13
N TRP B 48 19.05 30.93 -0.76
CA TRP B 48 19.37 29.51 -0.83
C TRP B 48 20.29 29.25 -2.02
N MET B 49 21.33 28.47 -1.80
CA MET B 49 22.39 28.27 -2.79
C MET B 49 22.27 26.94 -3.52
N GLY B 50 22.20 25.83 -2.80
CA GLY B 50 22.12 24.53 -3.41
C GLY B 50 22.13 23.43 -2.37
N TYR B 51 22.16 22.20 -2.85
CA TYR B 51 22.20 21.05 -1.97
C TYR B 51 22.93 19.89 -2.64
N ILE B 52 23.29 18.91 -1.82
CA ILE B 52 23.78 17.62 -2.30
C ILE B 52 22.92 16.53 -1.66
N ASN B 53 22.63 15.49 -2.44
CA ASN B 53 21.70 14.46 -2.02
C ASN B 53 22.42 13.40 -1.18
N TYR B 54 21.63 12.49 -0.60
CA TYR B 54 22.21 11.37 0.12
C TYR B 54 22.96 10.43 -0.83
N GLY B 55 22.59 10.42 -2.10
CA GLY B 55 23.22 9.60 -3.11
C GLY B 55 24.22 10.29 -3.99
N GLY B 56 24.36 11.60 -3.87
CA GLY B 56 25.31 12.35 -4.66
C GLY B 56 24.74 13.21 -5.76
N SER B 57 23.45 13.55 -5.70
CA SER B 57 22.81 14.38 -6.70
C SER B 57 22.83 15.84 -6.23
N ASN B 58 22.93 16.75 -7.20
CA ASN B 58 23.07 18.17 -6.93
C ASN B 58 22.01 18.97 -7.64
N PHE B 59 21.67 20.13 -7.05
CA PHE B 59 20.76 21.09 -7.67
C PHE B 59 21.14 22.47 -7.16
N TYR B 60 21.29 23.42 -8.08
CA TYR B 60 21.81 24.73 -7.74
C TYR B 60 20.81 25.82 -8.10
N ASN B 61 20.96 26.96 -7.42
CA ASN B 61 20.15 28.12 -7.73
C ASN B 61 20.52 28.65 -9.11
N PRO B 62 19.55 28.88 -10.01
CA PRO B 62 19.89 29.36 -11.35
C PRO B 62 20.62 30.69 -11.36
N SER B 63 20.41 31.56 -10.35
CA SER B 63 21.11 32.83 -10.32
C SER B 63 22.61 32.64 -10.13
N LEU B 64 23.02 31.60 -9.41
CA LEU B 64 24.41 31.30 -9.16
C LEU B 64 24.97 30.23 -10.08
N LYS B 65 24.25 29.90 -11.15
CA LYS B 65 24.66 28.82 -12.04
C LYS B 65 25.98 29.17 -12.72
N ASN B 66 26.71 28.11 -13.10
CA ASN B 66 28.02 28.14 -13.74
C ASN B 66 29.10 28.73 -12.84
N ARG B 67 28.82 28.89 -11.54
CA ARG B 67 29.81 29.40 -10.60
C ARG B 67 29.89 28.62 -9.30
N ILE B 68 29.03 27.62 -9.10
CA ILE B 68 28.94 26.91 -7.83
C ILE B 68 29.13 25.43 -8.08
N SER B 69 29.67 24.73 -7.08
CA SER B 69 29.85 23.29 -7.14
C SER B 69 29.89 22.75 -5.72
N ILE B 70 29.14 21.68 -5.48
CA ILE B 70 29.05 21.05 -4.16
C ILE B 70 29.50 19.60 -4.30
N THR B 71 30.47 19.21 -3.47
CA THR B 71 31.00 17.85 -3.44
C THR B 71 30.86 17.29 -2.03
N ARG B 72 31.36 16.07 -1.84
CA ARG B 72 31.26 15.40 -0.56
C ARG B 72 32.40 14.40 -0.42
N ASP B 73 32.63 13.98 0.83
CA ASP B 73 33.66 12.98 1.13
C ASP B 73 33.04 12.06 2.17
N THR B 74 32.55 10.90 1.73
CA THR B 74 31.84 10.00 2.63
C THR B 74 32.76 9.34 3.64
N SER B 75 34.04 9.17 3.29
CA SER B 75 34.97 8.52 4.21
C SER B 75 35.15 9.34 5.48
N ARG B 76 35.27 10.66 5.35
CA ARG B 76 35.45 11.54 6.49
C ARG B 76 34.16 12.24 6.91
N ASN B 77 33.06 11.98 6.19
CA ASN B 77 31.73 12.50 6.54
C ASN B 77 31.70 14.03 6.48
N GLN B 78 32.11 14.57 5.33
CA GLN B 78 32.06 16.02 5.10
C GLN B 78 31.58 16.29 3.69
N PHE B 79 30.98 17.46 3.49
CA PHE B 79 30.62 17.94 2.17
C PHE B 79 31.09 19.38 2.02
N PHE B 80 31.43 19.75 0.79
CA PHE B 80 32.18 20.96 0.52
C PHE B 80 31.40 21.90 -0.41
N LEU B 81 31.72 23.19 -0.32
CA LEU B 81 31.18 24.20 -1.19
C LEU B 81 32.33 24.96 -1.85
N LYS B 82 32.26 25.11 -3.17
CA LYS B 82 33.31 25.78 -3.94
C LYS B 82 32.69 26.87 -4.79
N LEU B 83 33.31 28.04 -4.80
CA LEU B 83 32.88 29.18 -5.59
C LEU B 83 34.00 29.60 -6.53
N ASN B 84 33.62 30.05 -7.73
CA ASN B 84 34.57 30.44 -8.76
C ASN B 84 34.45 31.93 -9.05
N SER B 85 35.59 32.60 -9.14
CA SER B 85 35.66 34.03 -9.47
C SER B 85 34.81 34.86 -8.50
N VAL B 86 35.19 34.80 -7.22
CA VAL B 86 34.47 35.54 -6.20
C VAL B 86 34.65 37.04 -6.42
N THR B 87 33.58 37.79 -6.20
CA THR B 87 33.57 39.23 -6.37
C THR B 87 33.25 39.91 -5.03
N THR B 88 33.16 41.23 -5.06
CA THR B 88 32.88 42.00 -3.85
C THR B 88 31.50 41.70 -3.27
N GLU B 89 30.49 41.53 -4.12
CA GLU B 89 29.14 41.30 -3.63
C GLU B 89 28.97 39.94 -2.96
N ASP B 90 29.95 39.05 -3.08
CA ASP B 90 29.86 37.71 -2.47
C ASP B 90 30.44 37.69 -1.07
N THR B 91 30.00 38.61 -0.22
CA THR B 91 30.38 38.64 1.19
C THR B 91 29.12 38.51 2.04
N ALA B 92 29.13 37.55 2.96
CA ALA B 92 27.95 37.22 3.76
C ALA B 92 28.37 36.19 4.81
N THR B 93 27.40 35.80 5.64
CA THR B 93 27.57 34.71 6.60
C THR B 93 26.99 33.44 6.00
N TYR B 94 27.82 32.41 5.90
CA TYR B 94 27.45 31.18 5.21
C TYR B 94 27.06 30.11 6.22
N TYR B 95 25.87 29.54 6.03
CA TYR B 95 25.32 28.52 6.91
C TYR B 95 25.21 27.19 6.16
N CYS B 96 25.24 26.11 6.93
CA CYS B 96 24.99 24.77 6.43
C CYS B 96 23.82 24.17 7.20
N ALA B 97 22.92 23.50 6.48
CA ALA B 97 21.71 22.97 7.10
C ALA B 97 21.37 21.61 6.51
N ARG B 98 20.69 20.80 7.31
CA ARG B 98 20.15 19.52 6.90
C ARG B 98 18.64 19.66 6.75
N GLY B 99 18.10 19.23 5.62
CA GLY B 99 16.70 19.43 5.32
C GLY B 99 16.05 18.17 4.76
N GLY B 100 14.74 18.28 4.55
CA GLY B 100 13.96 17.19 3.99
C GLY B 100 13.68 17.38 2.50
N TYR B 101 12.85 16.49 1.97
CA TYR B 101 12.49 16.49 0.56
C TYR B 101 11.16 17.20 0.41
N TYR B 102 11.21 18.47 0.00
CA TYR B 102 10.04 19.31 -0.24
C TYR B 102 9.19 19.50 1.01
N ASP B 103 9.76 19.27 2.20
CA ASP B 103 8.99 19.34 3.44
C ASP B 103 9.96 19.50 4.60
N TYR B 104 9.41 19.83 5.77
CA TYR B 104 10.17 19.95 7.01
C TYR B 104 10.39 18.55 7.56
N ASP B 105 11.64 18.08 7.55
CA ASP B 105 11.93 16.77 8.13
C ASP B 105 12.87 16.84 9.32
N GLY B 106 14.11 17.30 9.15
CA GLY B 106 14.99 17.45 10.29
C GLY B 106 15.34 18.88 10.63
N ASP B 107 15.68 19.65 9.59
CA ASP B 107 15.92 21.09 9.68
C ASP B 107 16.69 21.52 10.93
N TYR B 108 17.92 21.03 11.04
CA TYR B 108 18.86 21.46 12.07
C TYR B 108 19.95 22.28 11.39
N TRP B 109 20.13 23.52 11.83
CA TRP B 109 21.08 24.43 11.22
C TRP B 109 22.42 24.39 11.95
N GLY B 110 23.43 24.95 11.32
CA GLY B 110 24.74 25.10 11.90
C GLY B 110 24.89 26.40 12.66
N GLN B 111 26.12 26.90 12.75
CA GLN B 111 26.39 28.17 13.39
C GLN B 111 26.84 29.26 12.44
N GLY B 112 27.40 28.91 11.30
CA GLY B 112 27.74 29.91 10.31
C GLY B 112 29.17 30.38 10.45
N THR B 113 29.74 30.82 9.33
CA THR B 113 31.09 31.39 9.29
C THR B 113 31.05 32.66 8.47
N THR B 114 31.71 33.71 8.96
CA THR B 114 31.71 34.98 8.26
C THR B 114 32.82 35.02 7.21
N LEU B 115 32.51 35.65 6.08
CA LEU B 115 33.46 35.78 4.98
C LEU B 115 33.55 37.24 4.56
N THR B 116 34.76 37.70 4.30
CA THR B 116 35.02 39.06 3.84
C THR B 116 35.84 38.99 2.56
N VAL B 117 35.41 39.74 1.56
CA VAL B 117 36.09 39.75 0.26
C VAL B 117 36.49 41.17 -0.13
N ASP C 2 -44.14 -5.04 -26.53
CA ASP C 2 -42.85 -5.23 -27.20
C ASP C 2 -43.01 -5.18 -28.70
N ARG C 3 -43.25 -3.99 -29.24
CA ARG C 3 -43.42 -3.81 -30.68
C ARG C 3 -42.53 -2.73 -31.27
N VAL C 4 -42.00 -1.81 -30.45
CA VAL C 4 -41.00 -0.88 -30.96
C VAL C 4 -39.66 -1.59 -31.10
N ALA C 5 -38.85 -1.14 -32.05
CA ALA C 5 -37.65 -1.87 -32.42
C ALA C 5 -36.60 -1.87 -31.31
N ASP C 6 -36.42 -0.74 -30.62
CA ASP C 6 -35.32 -0.64 -29.66
C ASP C 6 -35.54 -1.53 -28.44
N VAL C 7 -36.80 -1.75 -28.05
CA VAL C 7 -37.07 -2.64 -26.93
C VAL C 7 -36.78 -4.09 -27.30
N ILE C 8 -37.13 -4.48 -28.53
CA ILE C 8 -36.89 -5.86 -28.97
C ILE C 8 -35.40 -6.17 -29.00
N GLU C 9 -34.60 -5.25 -29.51
CA GLU C 9 -33.16 -5.45 -29.65
C GLU C 9 -32.38 -5.07 -28.39
N SER C 10 -33.07 -4.67 -27.32
CA SER C 10 -32.40 -4.23 -26.11
C SER C 10 -31.71 -5.40 -25.41
N SER C 11 -30.66 -5.09 -24.65
CA SER C 11 -29.94 -6.07 -23.85
C SER C 11 -30.15 -5.84 -22.36
N ILE C 12 -31.18 -5.06 -21.99
CA ILE C 12 -31.47 -4.83 -20.58
C ILE C 12 -31.99 -6.11 -19.95
N GLY C 13 -31.47 -6.43 -18.78
CA GLY C 13 -31.91 -7.62 -18.06
C GLY C 13 -31.06 -8.85 -18.26
N ASP C 14 -29.95 -8.74 -18.97
CA ASP C 14 -29.06 -9.87 -19.17
C ASP C 14 -28.27 -10.13 -17.89
N SER C 15 -28.58 -11.23 -17.21
CA SER C 15 -28.02 -11.53 -15.90
C SER C 15 -26.84 -12.49 -15.96
N VAL C 16 -26.41 -12.88 -17.16
CA VAL C 16 -25.30 -13.81 -17.32
C VAL C 16 -24.00 -13.02 -17.34
N SER C 17 -23.07 -13.37 -16.46
CA SER C 17 -21.79 -12.69 -16.39
C SER C 17 -20.82 -13.27 -17.41
N ARG C 18 -20.28 -12.41 -18.26
CA ARG C 18 -19.35 -12.81 -19.30
C ARG C 18 -17.93 -12.75 -18.76
N ALA C 19 -17.26 -13.90 -18.72
CA ALA C 19 -15.91 -14.00 -18.19
C ALA C 19 -14.93 -14.18 -19.33
N LEU C 20 -13.80 -13.49 -19.25
CA LEU C 20 -12.76 -13.57 -20.28
C LEU C 20 -11.76 -14.68 -20.02
N THR C 21 -11.69 -15.22 -18.81
CA THR C 21 -10.73 -16.25 -18.46
C THR C 21 -11.45 -17.43 -17.84
N HIS C 22 -10.79 -18.59 -17.85
CA HIS C 22 -11.32 -19.79 -17.24
C HIS C 22 -10.18 -20.59 -16.62
N ALA C 23 -10.53 -21.38 -15.61
CA ALA C 23 -9.55 -22.15 -14.85
C ALA C 23 -9.19 -23.43 -15.57
N LEU C 24 -7.94 -23.86 -15.39
CA LEU C 24 -7.43 -25.09 -15.98
C LEU C 24 -6.74 -25.92 -14.93
N PRO C 25 -6.71 -27.25 -15.10
CA PRO C 25 -5.99 -28.10 -14.15
C PRO C 25 -4.51 -27.79 -14.15
N ALA C 26 -3.90 -27.85 -12.97
CA ALA C 26 -2.47 -27.59 -12.79
C ALA C 26 -1.97 -28.30 -11.55
N PRO C 27 -1.81 -29.63 -11.62
CA PRO C 27 -1.36 -30.38 -10.44
C PRO C 27 0.13 -30.24 -10.16
N THR C 28 0.95 -29.89 -11.14
CA THR C 28 2.39 -29.77 -10.97
C THR C 28 2.87 -28.52 -11.69
N GLY C 29 4.15 -28.20 -11.49
CA GLY C 29 4.75 -27.07 -12.18
C GLY C 29 4.94 -27.35 -13.65
N GLN C 30 5.07 -26.27 -14.41
CA GLN C 30 5.18 -26.38 -15.86
C GLN C 30 6.54 -26.95 -16.26
N ASP C 31 6.56 -27.67 -17.38
CA ASP C 31 7.78 -28.25 -17.91
C ASP C 31 8.53 -27.23 -18.76
N THR C 32 9.75 -27.58 -19.13
CA THR C 32 10.60 -26.74 -19.98
C THR C 32 10.92 -27.49 -21.25
N GLN C 33 10.78 -26.82 -22.38
CA GLN C 33 11.07 -27.41 -23.69
C GLN C 33 12.43 -26.95 -24.19
N VAL C 34 13.00 -27.74 -25.08
CA VAL C 34 14.30 -27.43 -25.66
C VAL C 34 14.13 -26.32 -26.70
N SER C 35 15.06 -25.37 -26.70
CA SER C 35 15.03 -24.25 -27.62
C SER C 35 16.42 -23.98 -28.16
N SER C 36 16.48 -23.36 -29.33
CA SER C 36 17.72 -23.04 -30.01
C SER C 36 17.81 -21.53 -30.24
N HIS C 37 18.85 -21.11 -30.94
CA HIS C 37 19.09 -19.70 -31.18
C HIS C 37 18.16 -19.17 -32.28
N ARG C 38 17.79 -17.91 -32.16
CA ARG C 38 16.93 -17.24 -33.12
C ARG C 38 17.55 -15.91 -33.51
N LEU C 39 17.67 -15.67 -34.83
CA LEU C 39 18.23 -14.43 -35.36
C LEU C 39 17.30 -13.96 -36.47
N ASP C 40 16.37 -13.07 -36.13
CA ASP C 40 15.40 -12.59 -37.09
C ASP C 40 14.85 -11.24 -36.64
N THR C 41 14.05 -10.62 -37.50
CA THR C 41 13.45 -9.32 -37.24
C THR C 41 11.93 -9.44 -37.20
N GLY C 42 11.31 -8.57 -36.41
CA GLY C 42 9.88 -8.51 -36.28
C GLY C 42 9.32 -9.19 -35.06
N LYS C 43 10.10 -10.08 -34.43
CA LYS C 43 9.67 -10.80 -33.24
C LYS C 43 10.53 -10.35 -32.07
N VAL C 44 9.90 -9.71 -31.08
CA VAL C 44 10.62 -9.18 -29.92
C VAL C 44 9.96 -9.64 -28.62
N PRO C 45 10.14 -10.89 -28.22
CA PRO C 45 9.56 -11.34 -26.95
C PRO C 45 10.07 -10.58 -25.74
N ALA C 46 11.30 -10.06 -25.78
CA ALA C 46 11.88 -9.41 -24.61
C ALA C 46 11.35 -8.01 -24.38
N LEU C 47 10.73 -7.38 -25.38
CA LEU C 47 10.24 -6.01 -25.25
C LEU C 47 8.79 -6.03 -24.80
N GLN C 48 8.49 -5.26 -23.76
CA GLN C 48 7.15 -5.23 -23.16
C GLN C 48 6.69 -3.79 -23.05
N ALA C 49 5.47 -3.61 -22.54
CA ALA C 49 4.90 -2.29 -22.29
C ALA C 49 4.13 -2.38 -20.97
N ALA C 50 4.78 -1.99 -19.88
CA ALA C 50 4.18 -2.11 -18.56
C ALA C 50 3.01 -1.16 -18.35
N GLU C 51 2.85 -0.15 -19.22
CA GLU C 51 1.77 0.80 -19.07
C GLU C 51 0.41 0.16 -19.28
N ILE C 52 0.34 -0.98 -19.98
CA ILE C 52 -0.93 -1.64 -20.22
C ILE C 52 -1.55 -2.13 -18.93
N GLY C 53 -0.73 -2.59 -17.99
CA GLY C 53 -1.22 -3.11 -16.73
C GLY C 53 -1.19 -4.61 -16.59
N ALA C 54 -0.58 -5.32 -17.54
CA ALA C 54 -0.47 -6.76 -17.48
C ALA C 54 0.98 -7.17 -17.25
N SER C 55 1.14 -8.35 -16.66
CA SER C 55 2.48 -8.86 -16.39
C SER C 55 3.16 -9.30 -17.66
N SER C 56 4.49 -9.44 -17.59
CA SER C 56 5.28 -9.84 -18.74
C SER C 56 4.94 -11.26 -19.16
N ASN C 57 4.96 -11.51 -20.46
CA ASN C 57 4.66 -12.82 -21.01
C ASN C 57 5.88 -13.53 -21.57
N ALA C 58 7.08 -12.99 -21.33
CA ALA C 58 8.30 -13.64 -21.77
C ALA C 58 8.55 -14.91 -20.96
N SER C 59 9.18 -15.89 -21.59
CA SER C 59 9.44 -17.18 -20.98
C SER C 59 10.93 -17.50 -21.07
N ASP C 60 11.32 -18.61 -20.45
CA ASP C 60 12.72 -19.03 -20.47
C ASP C 60 13.17 -19.36 -21.89
N GLU C 61 12.31 -20.05 -22.65
CA GLU C 61 12.71 -20.55 -23.96
C GLU C 61 12.98 -19.45 -24.96
N SER C 62 12.37 -18.27 -24.78
CA SER C 62 12.51 -17.18 -25.73
C SER C 62 13.66 -16.23 -25.39
N MET C 63 14.36 -16.46 -24.28
CA MET C 63 15.44 -15.57 -23.87
C MET C 63 16.81 -16.24 -23.88
N ILE C 64 16.88 -17.53 -23.54
CA ILE C 64 18.14 -18.27 -23.53
C ILE C 64 17.89 -19.63 -24.17
N GLU C 65 18.97 -20.37 -24.38
CA GLU C 65 18.89 -21.73 -24.91
C GLU C 65 18.74 -22.71 -23.75
N THR C 66 17.65 -23.46 -23.77
CA THR C 66 17.28 -24.32 -22.65
C THR C 66 17.26 -25.78 -23.07
N ARG C 67 17.32 -26.66 -22.09
CA ARG C 67 17.19 -28.10 -22.27
C ARG C 67 15.76 -28.53 -21.96
N CYS C 68 15.51 -29.83 -21.96
CA CYS C 68 14.21 -30.37 -21.63
C CYS C 68 14.22 -30.85 -20.18
N VAL C 69 13.33 -30.30 -19.37
CA VAL C 69 13.21 -30.65 -17.96
C VAL C 69 11.77 -31.03 -17.68
N LEU C 70 11.59 -32.22 -17.11
CA LEU C 70 10.26 -32.70 -16.72
C LEU C 70 10.04 -32.37 -15.25
N ASN C 71 9.10 -31.46 -14.99
CA ASN C 71 8.84 -30.97 -13.64
C ASN C 71 7.71 -31.77 -13.02
N SER C 72 7.93 -32.27 -11.81
CA SER C 72 6.94 -33.04 -11.07
C SER C 72 6.73 -32.50 -9.66
N HIS C 73 7.01 -31.23 -9.44
CA HIS C 73 6.82 -30.63 -8.12
C HIS C 73 5.35 -30.30 -7.91
N SER C 74 4.80 -30.75 -6.78
CA SER C 74 3.37 -30.59 -6.53
C SER C 74 3.05 -29.18 -6.07
N THR C 75 1.83 -28.75 -6.35
CA THR C 75 1.33 -27.44 -5.94
C THR C 75 0.21 -27.55 -4.92
N ALA C 76 0.10 -28.68 -4.21
CA ALA C 76 -1.02 -28.89 -3.31
C ALA C 76 -0.88 -28.10 -2.02
N GLU C 77 0.33 -27.71 -1.66
CA GLU C 77 0.54 -27.05 -0.37
C GLU C 77 0.18 -25.57 -0.39
N THR C 78 -0.10 -24.99 -1.55
CA THR C 78 -0.44 -23.58 -1.64
C THR C 78 -1.94 -23.33 -1.78
N THR C 79 -2.76 -24.35 -1.57
CA THR C 79 -4.20 -24.15 -1.58
C THR C 79 -4.65 -23.39 -0.34
N LEU C 80 -5.89 -22.90 -0.38
CA LEU C 80 -6.38 -22.05 0.71
C LEU C 80 -6.46 -22.83 2.02
N ASP C 81 -6.97 -24.05 1.98
CA ASP C 81 -7.04 -24.85 3.21
C ASP C 81 -5.67 -25.20 3.75
N SER C 82 -4.72 -25.54 2.88
CA SER C 82 -3.37 -25.83 3.35
C SER C 82 -2.76 -24.62 4.03
N PHE C 83 -3.08 -23.42 3.54
CA PHE C 83 -2.53 -22.21 4.14
C PHE C 83 -3.25 -21.84 5.43
N PHE C 84 -4.54 -22.13 5.53
CA PHE C 84 -5.36 -21.59 6.59
C PHE C 84 -5.76 -22.59 7.67
N SER C 85 -5.74 -23.89 7.38
CA SER C 85 -6.21 -24.89 8.34
C SER C 85 -5.12 -25.23 9.36
N ARG C 86 -4.80 -24.23 10.18
CA ARG C 86 -3.84 -24.38 11.28
C ARG C 86 -4.34 -23.56 12.46
N ALA C 87 -4.40 -24.20 13.62
CA ALA C 87 -4.94 -23.52 14.80
C ALA C 87 -3.99 -22.43 15.30
N GLY C 88 -4.57 -21.31 15.73
CA GLY C 88 -3.79 -20.22 16.27
C GLY C 88 -4.55 -19.52 17.37
N LEU C 89 -3.80 -18.82 18.22
CA LEU C 89 -4.39 -18.12 19.34
C LEU C 89 -5.21 -16.94 18.86
N VAL C 90 -6.43 -16.80 19.39
CA VAL C 90 -7.32 -15.71 18.98
C VAL C 90 -7.89 -15.00 20.19
N GLY C 91 -7.78 -15.60 21.37
CA GLY C 91 -8.37 -15.00 22.55
C GLY C 91 -7.77 -15.55 23.83
N GLU C 92 -7.99 -14.80 24.92
CA GLU C 92 -7.48 -15.16 26.22
C GLU C 92 -8.34 -14.53 27.30
N ILE C 93 -8.76 -15.32 28.28
CA ILE C 93 -9.64 -14.86 29.35
C ILE C 93 -9.00 -15.23 30.69
N ASP C 94 -8.99 -14.27 31.61
CA ASP C 94 -8.38 -14.44 32.92
C ASP C 94 -9.43 -14.33 34.01
N LEU C 95 -9.33 -15.20 35.01
CA LEU C 95 -10.28 -15.25 36.13
C LEU C 95 -9.51 -15.25 37.44
N PRO C 96 -9.01 -14.10 37.86
CA PRO C 96 -8.18 -14.04 39.08
C PRO C 96 -9.01 -14.21 40.34
N LEU C 97 -8.34 -14.66 41.40
CA LEU C 97 -8.97 -14.68 42.71
C LEU C 97 -9.11 -13.28 43.29
N LYS C 98 -8.05 -12.47 43.20
CA LYS C 98 -8.07 -11.10 43.69
C LYS C 98 -7.57 -10.18 42.60
N GLY C 99 -8.23 -9.05 42.46
CA GLY C 99 -7.90 -8.09 41.43
C GLY C 99 -9.10 -7.24 41.10
N THR C 100 -9.15 -6.77 39.85
CA THR C 100 -10.23 -5.92 39.38
C THR C 100 -10.82 -6.31 38.04
N THR C 101 -10.12 -7.10 37.23
CA THR C 101 -10.61 -7.45 35.90
C THR C 101 -11.89 -8.27 35.97
N ASN C 102 -11.81 -9.49 36.50
CA ASN C 102 -12.96 -10.38 36.65
C ASN C 102 -12.89 -11.05 38.01
N PRO C 103 -13.16 -10.30 39.09
CA PRO C 103 -12.98 -10.85 40.43
C PRO C 103 -14.15 -11.66 40.95
N ASN C 104 -15.22 -11.84 40.17
CA ASN C 104 -16.42 -12.51 40.64
C ASN C 104 -16.64 -13.87 40.00
N GLY C 105 -15.60 -14.45 39.39
CA GLY C 105 -15.70 -15.80 38.88
C GLY C 105 -16.49 -15.95 37.59
N TYR C 106 -16.62 -14.89 36.81
CA TYR C 106 -17.27 -14.99 35.50
C TYR C 106 -16.70 -13.92 34.59
N ALA C 107 -16.86 -14.12 33.29
CA ALA C 107 -16.34 -13.19 32.31
C ALA C 107 -17.15 -13.28 31.03
N ASN C 108 -17.17 -12.18 30.28
CA ASN C 108 -17.83 -12.11 28.99
C ASN C 108 -16.82 -11.61 27.96
N TRP C 109 -16.74 -12.32 26.83
CA TRP C 109 -15.77 -12.00 25.79
C TRP C 109 -16.50 -11.83 24.46
N ASP C 110 -16.30 -10.68 23.82
CA ASP C 110 -16.85 -10.46 22.49
C ASP C 110 -16.00 -11.19 21.46
N ILE C 111 -16.66 -11.87 20.53
CA ILE C 111 -15.98 -12.73 19.58
C ILE C 111 -15.37 -11.87 18.47
N ASP C 112 -14.05 -11.79 18.43
CA ASP C 112 -13.32 -11.17 17.33
C ASP C 112 -11.92 -11.77 17.30
N ILE C 113 -11.34 -11.79 16.10
CA ILE C 113 -10.04 -12.45 15.92
C ILE C 113 -8.99 -11.43 15.53
N THR C 114 -9.23 -10.17 15.86
CA THR C 114 -8.33 -9.08 15.52
C THR C 114 -7.43 -8.66 16.68
N GLY C 115 -7.42 -9.42 17.76
CA GLY C 115 -6.61 -9.08 18.93
C GLY C 115 -5.19 -9.57 18.91
N TYR C 116 -4.80 -10.36 17.93
CA TYR C 116 -3.44 -10.91 17.87
C TYR C 116 -2.92 -10.78 16.45
N ALA C 117 -1.62 -10.49 16.33
CA ALA C 117 -1.08 -10.00 15.07
C ALA C 117 -0.96 -11.10 14.01
N GLN C 118 -0.57 -12.31 14.40
CA GLN C 118 -0.25 -13.34 13.41
C GLN C 118 -1.48 -13.73 12.61
N MET C 119 -2.56 -14.11 13.29
CA MET C 119 -3.78 -14.51 12.61
C MET C 119 -4.40 -13.35 11.85
N ARG C 120 -4.37 -12.16 12.44
CA ARG C 120 -4.94 -10.99 11.78
C ARG C 120 -4.22 -10.70 10.47
N ARG C 121 -2.89 -10.76 10.49
CA ARG C 121 -2.13 -10.50 9.27
C ARG C 121 -2.37 -11.58 8.24
N LYS C 122 -2.49 -12.85 8.67
CA LYS C 122 -2.79 -13.91 7.70
C LYS C 122 -4.15 -13.70 7.05
N VAL C 123 -5.16 -13.35 7.84
CA VAL C 123 -6.51 -13.28 7.29
C VAL C 123 -6.79 -11.97 6.54
N GLU C 124 -6.04 -10.91 6.81
CA GLU C 124 -6.30 -9.63 6.15
C GLU C 124 -5.70 -9.56 4.75
N LEU C 125 -5.15 -10.66 4.24
CA LEU C 125 -4.68 -10.67 2.85
C LEU C 125 -5.84 -10.61 1.87
N PHE C 126 -7.04 -11.01 2.27
CA PHE C 126 -8.21 -11.01 1.42
C PHE C 126 -9.28 -10.09 2.01
N THR C 127 -10.26 -9.73 1.18
CA THR C 127 -11.32 -8.83 1.59
C THR C 127 -12.53 -9.59 2.12
N TYR C 128 -12.94 -10.66 1.44
CA TYR C 128 -14.09 -11.46 1.84
C TYR C 128 -13.65 -12.90 2.04
N MET C 129 -14.15 -13.52 3.11
CA MET C 129 -13.85 -14.92 3.38
C MET C 129 -15.11 -15.61 3.91
N ARG C 130 -15.29 -16.87 3.52
CA ARG C 130 -16.41 -17.69 3.94
C ARG C 130 -15.90 -19.07 4.32
N PHE C 131 -16.14 -19.48 5.57
CA PHE C 131 -15.52 -20.69 6.07
C PHE C 131 -16.28 -21.20 7.28
N ASP C 132 -15.99 -22.46 7.64
CA ASP C 132 -16.36 -23.03 8.92
C ASP C 132 -15.16 -23.00 9.86
N ALA C 133 -15.43 -23.19 11.15
CA ALA C 133 -14.40 -23.02 12.16
C ALA C 133 -14.45 -24.17 13.15
N GLU C 134 -13.31 -24.40 13.81
CA GLU C 134 -13.17 -25.37 14.88
C GLU C 134 -12.45 -24.70 16.04
N PHE C 135 -13.06 -24.75 17.23
CA PHE C 135 -12.57 -24.02 18.39
C PHE C 135 -12.11 -24.99 19.47
N THR C 136 -10.96 -24.68 20.07
CA THR C 136 -10.40 -25.47 21.16
C THR C 136 -10.10 -24.56 22.34
N PHE C 137 -10.42 -25.02 23.55
CA PHE C 137 -10.25 -24.24 24.76
C PHE C 137 -9.30 -24.94 25.70
N VAL C 138 -8.22 -24.26 26.09
CA VAL C 138 -7.21 -24.80 27.00
C VAL C 138 -7.25 -23.96 28.27
N ALA C 139 -7.43 -24.62 29.42
CA ALA C 139 -7.58 -23.94 30.69
C ALA C 139 -6.58 -24.51 31.70
N CYS C 140 -5.99 -23.62 32.49
CA CYS C 140 -5.03 -23.99 33.52
C CYS C 140 -4.82 -22.77 34.43
N THR C 141 -4.02 -22.96 35.48
CA THR C 141 -3.65 -21.88 36.38
C THR C 141 -2.57 -21.01 35.74
N PRO C 142 -2.33 -19.82 36.28
CA PRO C 142 -1.30 -18.95 35.70
C PRO C 142 0.09 -19.57 35.67
N THR C 143 0.39 -20.52 36.55
CA THR C 143 1.67 -21.21 36.54
C THR C 143 1.66 -22.47 35.69
N GLY C 144 0.53 -22.79 35.05
CA GLY C 144 0.43 -23.98 34.25
C GLY C 144 0.02 -25.23 34.99
N GLU C 145 -0.34 -25.13 36.26
CA GLU C 145 -0.75 -26.28 37.04
C GLU C 145 -2.17 -26.71 36.68
N VAL C 146 -2.44 -28.00 36.83
CA VAL C 146 -3.76 -28.58 36.58
C VAL C 146 -4.43 -28.85 37.91
N VAL C 147 -5.66 -28.36 38.06
CA VAL C 147 -6.38 -28.45 39.33
C VAL C 147 -7.76 -29.03 39.09
N PRO C 148 -8.34 -29.68 40.09
CA PRO C 148 -9.69 -30.26 39.92
C PRO C 148 -10.81 -29.23 40.05
N GLN C 149 -11.12 -28.56 38.95
CA GLN C 149 -12.17 -27.54 38.93
C GLN C 149 -13.11 -27.79 37.76
N LEU C 150 -14.38 -27.47 37.94
CA LEU C 150 -15.40 -27.63 36.92
C LEU C 150 -15.81 -26.28 36.36
N LEU C 151 -15.85 -26.17 35.04
CA LEU C 151 -16.16 -24.93 34.35
C LEU C 151 -17.33 -25.13 33.39
N GLN C 152 -17.95 -24.01 33.01
CA GLN C 152 -19.05 -24.02 32.04
C GLN C 152 -18.82 -22.92 31.02
N TYR C 153 -18.92 -23.28 29.75
CA TYR C 153 -18.86 -22.33 28.65
C TYR C 153 -20.23 -22.21 28.00
N MET C 154 -20.63 -20.99 27.65
CA MET C 154 -21.91 -20.77 27.01
C MET C 154 -21.73 -19.81 25.84
N PHE C 155 -22.42 -20.09 24.75
CA PHE C 155 -22.42 -19.24 23.56
C PHE C 155 -23.69 -18.39 23.56
N VAL C 156 -23.52 -17.08 23.52
CA VAL C 156 -24.66 -16.16 23.61
C VAL C 156 -24.81 -15.41 22.29
N PRO C 157 -25.75 -15.79 21.44
CA PRO C 157 -25.98 -15.05 20.19
C PRO C 157 -26.53 -13.67 20.49
N PRO C 158 -26.36 -12.72 19.58
CA PRO C 158 -26.85 -11.36 19.83
C PRO C 158 -28.35 -11.35 20.08
N GLY C 159 -28.77 -10.53 21.03
CA GLY C 159 -30.16 -10.45 21.44
C GLY C 159 -30.52 -11.32 22.63
N ALA C 160 -29.69 -12.29 22.98
CA ALA C 160 -29.91 -13.15 24.13
C ALA C 160 -29.40 -12.48 25.40
N PRO C 161 -29.97 -12.81 26.56
CA PRO C 161 -29.53 -12.16 27.80
C PRO C 161 -28.14 -12.61 28.23
N LYS C 162 -27.25 -11.65 28.42
CA LYS C 162 -25.90 -11.96 28.87
C LYS C 162 -25.88 -12.10 30.39
N PRO C 163 -25.25 -13.14 30.93
CA PRO C 163 -25.17 -13.27 32.38
C PRO C 163 -24.39 -12.11 33.01
N ASP C 164 -24.81 -11.72 34.21
CA ASP C 164 -24.21 -10.61 34.92
C ASP C 164 -23.65 -11.00 36.28
N SER C 165 -23.72 -12.28 36.64
CA SER C 165 -23.20 -12.76 37.93
C SER C 165 -22.96 -14.25 37.80
N ARG C 166 -22.28 -14.82 38.80
CA ARG C 166 -22.02 -16.25 38.79
C ARG C 166 -23.27 -17.07 39.06
N GLU C 167 -24.32 -16.47 39.61
CA GLU C 167 -25.56 -17.16 39.91
C GLU C 167 -26.71 -16.61 39.06
N SER C 168 -26.40 -16.08 37.89
CA SER C 168 -27.43 -15.50 37.04
C SER C 168 -28.37 -16.58 36.52
N LEU C 169 -29.63 -16.19 36.31
CA LEU C 169 -30.63 -17.14 35.80
C LEU C 169 -30.36 -17.54 34.37
N ALA C 170 -29.53 -16.80 33.64
CA ALA C 170 -29.24 -17.12 32.25
C ALA C 170 -28.42 -18.39 32.10
N TRP C 171 -27.85 -18.91 33.19
CA TRP C 171 -27.02 -20.10 33.12
C TRP C 171 -27.85 -21.37 32.97
N GLN C 172 -29.18 -21.29 33.02
CA GLN C 172 -30.00 -22.47 32.81
C GLN C 172 -29.86 -23.03 31.40
N THR C 173 -29.35 -22.23 30.47
CA THR C 173 -29.03 -22.63 29.09
C THR C 173 -30.07 -23.59 28.50
N ALA C 174 -31.33 -23.20 28.60
CA ALA C 174 -32.40 -24.02 28.07
C ALA C 174 -32.37 -24.11 26.54
N THR C 175 -31.83 -23.09 25.87
CA THR C 175 -31.78 -23.10 24.41
C THR C 175 -30.37 -22.83 23.90
N ASN C 176 -29.61 -22.01 24.62
CA ASN C 176 -28.25 -21.71 24.21
C ASN C 176 -27.37 -22.95 24.34
N PRO C 177 -26.46 -23.19 23.39
CA PRO C 177 -25.53 -24.30 23.55
C PRO C 177 -24.51 -24.02 24.64
N SER C 178 -24.18 -25.05 25.40
CA SER C 178 -23.27 -24.91 26.53
C SER C 178 -22.43 -26.18 26.66
N VAL C 179 -21.26 -26.04 27.29
CA VAL C 179 -20.33 -27.14 27.49
C VAL C 179 -19.88 -27.15 28.94
N PHE C 180 -19.96 -28.32 29.58
CA PHE C 180 -19.42 -28.54 30.91
C PHE C 180 -18.17 -29.40 30.80
N VAL C 181 -17.08 -28.96 31.43
CA VAL C 181 -15.80 -29.64 31.30
C VAL C 181 -14.98 -29.40 32.56
N LYS C 182 -14.09 -30.34 32.85
CA LYS C 182 -13.16 -30.25 33.97
C LYS C 182 -11.76 -29.90 33.46
N LEU C 183 -10.96 -29.29 34.34
CA LEU C 183 -9.60 -28.93 33.94
C LEU C 183 -8.70 -30.15 33.80
N SER C 184 -9.00 -31.24 34.51
CA SER C 184 -8.22 -32.45 34.38
C SER C 184 -8.45 -33.17 33.06
N ASP C 185 -9.53 -32.85 32.35
CA ASP C 185 -9.83 -33.47 31.07
C ASP C 185 -9.01 -32.84 29.95
N PRO C 186 -8.88 -33.52 28.82
CA PRO C 186 -8.27 -32.89 27.64
C PRO C 186 -9.09 -31.70 27.18
N PRO C 187 -8.49 -30.77 26.45
CA PRO C 187 -9.21 -29.55 26.05
C PRO C 187 -10.45 -29.85 25.25
N ALA C 188 -11.49 -29.05 25.48
CA ALA C 188 -12.75 -29.18 24.75
C ALA C 188 -12.59 -28.68 23.32
N GLN C 189 -13.46 -29.19 22.44
CA GLN C 189 -13.33 -28.89 21.02
C GLN C 189 -14.68 -29.08 20.35
N VAL C 190 -15.12 -28.07 19.59
CA VAL C 190 -16.42 -28.09 18.93
C VAL C 190 -16.29 -27.55 17.51
N SER C 191 -17.33 -27.76 16.72
CA SER C 191 -17.40 -27.26 15.35
C SER C 191 -18.43 -26.15 15.26
N VAL C 192 -18.14 -25.17 14.39
CA VAL C 192 -18.97 -23.98 14.25
C VAL C 192 -19.26 -23.75 12.76
N PRO C 193 -20.51 -23.47 12.39
CA PRO C 193 -20.81 -23.22 10.97
C PRO C 193 -20.62 -21.77 10.58
N PHE C 194 -20.94 -21.44 9.32
CA PHE C 194 -20.91 -20.06 8.84
C PHE C 194 -22.25 -19.41 9.15
N MET C 195 -22.23 -18.38 10.01
CA MET C 195 -23.47 -17.82 10.55
C MET C 195 -23.68 -16.35 10.19
N SER C 196 -22.96 -15.82 9.22
CA SER C 196 -23.16 -14.42 8.90
C SER C 196 -24.46 -14.22 8.12
N PRO C 197 -25.17 -13.12 8.36
CA PRO C 197 -26.34 -12.80 7.52
C PRO C 197 -25.98 -12.52 6.08
N ALA C 198 -24.73 -12.19 5.77
CA ALA C 198 -24.29 -11.95 4.41
C ALA C 198 -23.71 -13.23 3.82
N SER C 199 -23.19 -13.13 2.59
CA SER C 199 -22.60 -14.29 1.94
C SER C 199 -21.17 -14.55 2.38
N ALA C 200 -20.52 -13.58 3.02
CA ALA C 200 -19.15 -13.76 3.47
C ALA C 200 -18.84 -12.74 4.56
N TYR C 201 -17.80 -13.03 5.32
CA TYR C 201 -17.31 -12.09 6.31
C TYR C 201 -16.53 -10.96 5.64
N GLN C 202 -16.47 -9.82 6.32
CA GLN C 202 -15.79 -8.64 5.80
C GLN C 202 -14.73 -8.20 6.80
N TRP C 203 -13.47 -8.17 6.35
CA TRP C 203 -12.41 -7.60 7.17
C TRP C 203 -12.26 -6.10 6.99
N PHE C 204 -12.91 -5.53 5.98
CA PHE C 204 -12.85 -4.09 5.72
C PHE C 204 -14.22 -3.63 5.24
N TYR C 205 -14.80 -2.66 5.94
CA TYR C 205 -16.11 -2.12 5.60
C TYR C 205 -16.00 -0.60 5.52
N ASP C 206 -16.03 -0.06 4.30
CA ASP C 206 -15.88 1.38 4.09
C ASP C 206 -17.27 2.02 4.06
N GLY C 207 -17.77 2.34 5.26
CA GLY C 207 -19.06 2.98 5.35
C GLY C 207 -19.51 3.08 6.80
N TYR C 208 -20.75 3.53 6.97
CA TYR C 208 -21.38 3.70 8.26
C TYR C 208 -22.56 2.75 8.41
N PRO C 209 -22.86 2.32 9.64
CA PRO C 209 -23.93 1.34 9.82
C PRO C 209 -25.33 1.93 9.71
N THR C 210 -25.50 3.18 10.14
CA THR C 210 -26.82 3.78 10.26
C THR C 210 -26.89 5.09 9.48
N PHE C 211 -28.11 5.48 9.15
CA PHE C 211 -28.38 6.77 8.53
C PHE C 211 -28.30 7.89 9.55
N GLY C 212 -28.29 9.12 9.05
CA GLY C 212 -28.33 10.30 9.88
C GLY C 212 -27.12 11.15 9.65
N GLU C 213 -27.03 12.24 10.42
CA GLU C 213 -25.86 13.11 10.35
C GLU C 213 -24.70 12.45 11.08
N HIS C 214 -23.49 12.60 10.53
CA HIS C 214 -22.31 11.96 11.08
C HIS C 214 -21.44 13.01 11.73
N LYS C 215 -21.71 13.26 13.02
CA LYS C 215 -20.98 14.25 13.79
C LYS C 215 -19.68 13.66 14.32
N GLN C 216 -18.89 14.52 14.96
CA GLN C 216 -17.57 14.10 15.45
C GLN C 216 -17.69 13.08 16.57
N GLU C 217 -18.68 13.22 17.45
CA GLU C 217 -18.80 12.32 18.59
C GLU C 217 -19.23 10.92 18.20
N LYS C 218 -19.69 10.72 16.96
CA LYS C 218 -20.12 9.42 16.48
C LYS C 218 -19.16 8.81 15.48
N ASP C 219 -17.92 9.32 15.42
CA ASP C 219 -16.96 8.82 14.45
C ASP C 219 -16.49 7.41 14.76
N LEU C 220 -16.71 6.93 15.98
CA LEU C 220 -16.30 5.57 16.33
C LEU C 220 -17.11 4.51 15.62
N GLU C 221 -18.22 4.88 14.99
CA GLU C 221 -19.05 3.93 14.26
C GLU C 221 -18.57 3.68 12.83
N TYR C 222 -17.58 4.44 12.36
CA TYR C 222 -17.08 4.26 11.01
C TYR C 222 -16.33 2.94 10.91
N GLY C 223 -16.66 2.15 9.88
CA GLY C 223 -16.01 0.88 9.66
C GLY C 223 -16.58 -0.29 10.42
N ALA C 224 -17.63 -0.08 11.21
CA ALA C 224 -18.23 -1.14 12.01
C ALA C 224 -19.31 -1.84 11.20
N CYS C 225 -19.09 -3.12 10.90
CA CYS C 225 -20.06 -3.90 10.14
C CYS C 225 -20.77 -4.88 11.06
N PRO C 226 -22.08 -4.73 11.27
CA PRO C 226 -22.80 -5.67 12.15
C PRO C 226 -22.80 -7.10 11.64
N ASN C 227 -22.53 -7.32 10.35
CA ASN C 227 -22.54 -8.68 9.81
C ASN C 227 -21.42 -9.53 10.39
N ASN C 228 -20.40 -8.93 10.96
CA ASN C 228 -19.29 -9.68 11.55
C ASN C 228 -19.45 -9.93 13.04
N MET C 229 -20.42 -9.31 13.68
CA MET C 229 -20.64 -9.49 15.11
C MET C 229 -21.52 -10.72 15.33
N MET C 230 -20.95 -11.77 15.89
CA MET C 230 -21.63 -13.06 16.02
C MET C 230 -22.10 -13.35 17.44
N GLY C 231 -21.76 -12.50 18.42
CA GLY C 231 -22.23 -12.73 19.77
C GLY C 231 -21.17 -12.65 20.84
N THR C 232 -21.38 -13.36 21.95
CA THR C 232 -20.52 -13.29 23.11
C THR C 232 -20.18 -14.69 23.59
N PHE C 233 -18.98 -14.84 24.14
CA PHE C 233 -18.53 -16.09 24.76
C PHE C 233 -18.42 -15.86 26.26
N SER C 234 -19.09 -16.69 27.04
CA SER C 234 -19.19 -16.51 28.49
C SER C 234 -18.69 -17.75 29.22
N VAL C 235 -17.99 -17.53 30.32
CA VAL C 235 -17.39 -18.60 31.09
C VAL C 235 -17.57 -18.31 32.58
N ARG C 236 -17.82 -19.36 33.36
CA ARG C 236 -18.00 -19.24 34.79
C ARG C 236 -17.53 -20.51 35.47
N THR C 237 -17.32 -20.41 36.79
CA THR C 237 -17.06 -21.58 37.62
C THR C 237 -18.37 -22.05 38.23
N VAL C 238 -18.66 -23.34 38.07
CA VAL C 238 -19.95 -23.89 38.46
C VAL C 238 -19.97 -24.01 39.98
N GLY C 239 -20.63 -23.07 40.65
CA GLY C 239 -20.76 -23.14 42.09
C GLY C 239 -21.38 -21.87 42.62
N THR C 240 -21.93 -21.98 43.83
CA THR C 240 -22.51 -20.84 44.53
C THR C 240 -21.51 -20.13 45.42
N SER C 241 -20.30 -20.67 45.57
CA SER C 241 -19.26 -20.06 46.39
C SER C 241 -18.05 -19.76 45.52
N LYS C 242 -17.16 -18.92 46.05
CA LYS C 242 -15.98 -18.51 45.31
C LYS C 242 -15.03 -19.69 45.14
N SER C 243 -14.41 -19.77 43.97
CA SER C 243 -13.48 -20.85 43.68
C SER C 243 -12.19 -20.69 44.47
N LYS C 244 -11.42 -21.77 44.55
CA LYS C 244 -10.18 -21.79 45.32
C LYS C 244 -8.94 -21.63 44.46
N TYR C 245 -9.07 -21.47 43.15
CA TYR C 245 -7.91 -21.37 42.29
C TYR C 245 -8.07 -20.23 41.30
N PRO C 246 -6.98 -19.59 40.89
CA PRO C 246 -7.04 -18.67 39.75
C PRO C 246 -6.89 -19.43 38.45
N LEU C 247 -7.62 -18.99 37.43
CA LEU C 247 -7.72 -19.73 36.17
C LEU C 247 -7.48 -18.81 34.98
N VAL C 248 -6.96 -19.40 33.91
CA VAL C 248 -6.75 -18.73 32.64
C VAL C 248 -7.27 -19.64 31.53
N VAL C 249 -7.97 -19.06 30.57
CA VAL C 249 -8.54 -19.80 29.44
C VAL C 249 -7.98 -19.23 28.15
N ARG C 250 -7.48 -20.09 27.29
CA ARG C 250 -6.95 -19.71 25.97
C ARG C 250 -7.80 -20.36 24.88
N ILE C 251 -8.03 -19.61 23.80
CA ILE C 251 -8.91 -20.02 22.73
C ILE C 251 -8.11 -20.12 21.43
N TYR C 252 -8.25 -21.24 20.74
CA TYR C 252 -7.61 -21.47 19.45
C TYR C 252 -8.67 -21.79 18.40
N MET C 253 -8.43 -21.34 17.17
CA MET C 253 -9.40 -21.47 16.10
C MET C 253 -8.73 -21.96 14.83
N ARG C 254 -9.40 -22.87 14.12
CA ARG C 254 -8.90 -23.44 12.87
C ARG C 254 -10.01 -23.38 11.83
N MET C 255 -9.67 -23.00 10.60
CA MET C 255 -10.64 -22.85 9.53
C MET C 255 -10.74 -24.11 8.68
N LYS C 256 -11.95 -24.37 8.18
CA LYS C 256 -12.19 -25.45 7.23
C LYS C 256 -13.13 -24.94 6.15
N HIS C 257 -13.00 -25.52 4.96
CA HIS C 257 -13.87 -25.19 3.82
C HIS C 257 -13.82 -23.69 3.50
N VAL C 258 -12.63 -23.23 3.11
CA VAL C 258 -12.34 -21.81 3.01
C VAL C 258 -12.52 -21.34 1.58
N ARG C 259 -13.09 -20.15 1.41
CA ARG C 259 -13.15 -19.44 0.14
C ARG C 259 -12.80 -17.98 0.37
N ALA C 260 -12.19 -17.35 -0.63
CA ALA C 260 -11.70 -15.99 -0.48
C ALA C 260 -11.84 -15.23 -1.79
N TRP C 261 -11.84 -13.90 -1.69
CA TRP C 261 -11.99 -13.03 -2.84
C TRP C 261 -11.15 -11.76 -2.66
N ILE C 262 -10.75 -11.17 -3.78
CA ILE C 262 -10.17 -9.83 -3.84
C ILE C 262 -8.98 -9.66 -2.89
N PRO C 263 -7.80 -10.16 -3.24
CA PRO C 263 -6.63 -9.97 -2.39
C PRO C 263 -6.23 -8.51 -2.28
N ARG C 264 -5.59 -8.18 -1.17
CA ARG C 264 -5.16 -6.84 -0.82
C ARG C 264 -3.68 -6.85 -0.44
N PRO C 265 -3.02 -5.69 -0.48
CA PRO C 265 -1.66 -5.61 0.04
C PRO C 265 -1.61 -5.97 1.52
N MET C 266 -0.51 -6.60 1.93
CA MET C 266 -0.36 -7.04 3.31
C MET C 266 0.01 -5.88 4.21
N ARG C 267 -0.23 -6.06 5.51
CA ARG C 267 0.01 -4.99 6.48
C ARG C 267 1.49 -4.67 6.57
N ASN C 268 1.79 -3.38 6.73
CA ASN C 268 3.15 -2.87 6.75
C ASN C 268 3.60 -2.39 8.12
N GLN C 269 2.73 -1.74 8.88
CA GLN C 269 3.07 -1.13 10.15
C GLN C 269 2.48 -1.93 11.31
N ASN C 270 2.89 -1.55 12.52
CA ASN C 270 2.43 -2.24 13.72
C ASN C 270 0.95 -1.97 13.97
N TYR C 271 0.24 -3.01 14.42
CA TYR C 271 -1.15 -2.85 14.80
C TYR C 271 -1.25 -2.11 16.13
N LEU C 272 -2.28 -1.30 16.28
CA LEU C 272 -2.49 -0.52 17.50
C LEU C 272 -3.81 -0.81 18.19
N PHE C 273 -4.90 -0.92 17.45
CA PHE C 273 -6.23 -1.10 18.03
C PHE C 273 -6.99 -2.18 17.28
N LYS C 274 -7.95 -2.78 17.97
CA LYS C 274 -8.79 -3.79 17.35
C LYS C 274 -9.79 -3.15 16.40
N ALA C 275 -9.97 -3.77 15.23
CA ALA C 275 -10.92 -3.32 14.22
C ALA C 275 -10.68 -1.86 13.84
N ASN C 276 -9.42 -1.50 13.66
CA ASN C 276 -9.05 -0.13 13.32
C ASN C 276 -7.69 -0.12 12.65
N PRO C 277 -7.58 0.36 11.42
CA PRO C 277 -6.28 0.38 10.74
C PRO C 277 -5.45 1.61 11.08
N ASN C 278 -5.35 1.94 12.36
CA ASN C 278 -4.55 3.09 12.78
C ASN C 278 -3.08 2.74 12.82
N TYR C 279 -2.23 3.74 12.63
CA TYR C 279 -0.78 3.55 12.67
C TYR C 279 -0.13 4.77 13.30
N ALA C 280 1.07 4.57 13.83
CA ALA C 280 1.81 5.66 14.47
C ALA C 280 2.41 6.55 13.38
N GLY C 281 1.97 7.80 13.34
CA GLY C 281 2.40 8.71 12.28
C GLY C 281 3.82 9.20 12.43
N ASN C 282 4.38 9.19 13.63
CA ASN C 282 5.73 9.66 13.87
C ASN C 282 6.77 8.56 13.81
N SER C 283 6.37 7.31 13.56
CA SER C 283 7.27 6.17 13.55
C SER C 283 7.02 5.31 12.32
N ILE C 284 6.89 5.95 11.16
CA ILE C 284 6.71 5.21 9.92
C ILE C 284 8.04 4.59 9.53
N LYS C 285 8.04 3.29 9.25
CA LYS C 285 9.27 2.59 8.94
C LYS C 285 9.18 1.94 7.57
N PRO C 286 10.31 1.78 6.88
CA PRO C 286 10.29 1.13 5.57
C PRO C 286 9.91 -0.34 5.68
N THR C 287 9.45 -0.88 4.55
CA THR C 287 8.99 -2.27 4.52
C THR C 287 10.11 -3.24 4.86
N GLY C 288 11.31 -3.00 4.33
CA GLY C 288 12.42 -3.91 4.56
C GLY C 288 13.64 -3.23 5.16
N THR C 289 14.79 -3.88 5.03
CA THR C 289 16.03 -3.34 5.55
C THR C 289 16.66 -2.38 4.54
N SER C 290 17.72 -1.72 4.96
CA SER C 290 18.40 -0.72 4.15
C SER C 290 19.90 -1.00 4.11
N ARG C 291 20.55 -0.48 3.08
CA ARG C 291 21.98 -0.59 2.91
C ARG C 291 22.59 0.80 2.78
N THR C 292 23.91 0.85 2.61
CA THR C 292 24.63 2.11 2.64
C THR C 292 24.74 2.78 1.28
N ALA C 293 24.75 2.01 0.19
CA ALA C 293 24.87 2.59 -1.14
C ALA C 293 24.19 1.68 -2.15
N ILE C 294 23.78 2.27 -3.27
CA ILE C 294 23.09 1.50 -4.30
C ILE C 294 24.04 0.70 -5.17
N THR C 295 25.33 1.06 -5.19
CA THR C 295 26.30 0.39 -6.03
C THR C 295 27.10 -0.68 -5.30
N THR C 296 26.81 -0.91 -4.02
CA THR C 296 27.51 -1.92 -3.24
C THR C 296 26.49 -2.81 -2.54
N LEU C 297 26.91 -4.03 -2.24
CA LEU C 297 26.04 -4.98 -1.55
C LEU C 297 25.89 -4.61 -0.09
N SER D 10 -3.41 0.79 -34.21
CA SER D 10 -4.63 0.01 -34.06
C SER D 10 -5.08 -0.04 -32.61
N ASP D 11 -4.15 -0.39 -31.72
CA ASP D 11 -4.43 -0.44 -30.30
C ASP D 11 -4.17 0.89 -29.60
N ARG D 12 -3.75 1.92 -30.34
CA ARG D 12 -3.45 3.22 -29.75
C ARG D 12 -4.59 4.22 -29.89
N VAL D 13 -5.48 4.03 -30.86
CA VAL D 13 -6.65 4.88 -31.02
C VAL D 13 -7.88 4.13 -30.51
N ALA D 14 -8.79 4.85 -29.89
CA ALA D 14 -9.99 4.24 -29.33
C ALA D 14 -11.10 5.26 -29.28
N GLN D 15 -12.34 4.76 -29.22
CA GLN D 15 -13.52 5.60 -29.06
C GLN D 15 -14.48 4.90 -28.11
N LEU D 16 -15.00 5.64 -27.14
CA LEU D 16 -15.93 5.11 -26.15
C LEU D 16 -17.24 5.86 -26.28
N THR D 17 -18.31 5.13 -26.56
CA THR D 17 -19.63 5.72 -26.77
C THR D 17 -20.65 5.03 -25.87
N ILE D 18 -21.34 5.81 -25.05
CA ILE D 18 -22.40 5.30 -24.19
C ILE D 18 -23.36 6.44 -23.89
N GLY D 19 -24.65 6.16 -23.91
CA GLY D 19 -25.62 7.22 -23.71
C GLY D 19 -25.57 8.21 -24.85
N ASN D 20 -25.41 9.49 -24.50
CA ASN D 20 -25.27 10.56 -25.48
C ASN D 20 -23.91 11.25 -25.38
N SER D 21 -22.89 10.51 -24.99
CA SER D 21 -21.55 11.06 -24.81
C SER D 21 -20.53 10.17 -25.52
N THR D 22 -19.46 10.80 -26.00
CA THR D 22 -18.42 10.11 -26.75
C THR D 22 -17.06 10.63 -26.32
N ILE D 23 -16.11 9.70 -26.15
CA ILE D 23 -14.73 10.04 -25.79
C ILE D 23 -13.82 9.48 -26.87
N THR D 24 -12.91 10.31 -27.36
CA THR D 24 -11.93 9.91 -28.36
C THR D 24 -10.52 10.10 -27.81
N THR D 25 -9.61 9.22 -28.23
CA THR D 25 -8.22 9.31 -27.83
C THR D 25 -7.35 8.75 -28.95
N GLN D 26 -6.13 9.25 -29.05
CA GLN D 26 -5.19 8.82 -30.07
C GLN D 26 -3.90 8.25 -29.49
N GLU D 27 -3.79 8.15 -28.17
CA GLU D 27 -2.61 7.62 -27.51
C GLU D 27 -3.02 6.66 -26.39
N ALA D 28 -3.94 5.75 -26.70
CA ALA D 28 -4.44 4.83 -25.71
C ALA D 28 -3.42 3.71 -25.45
N ALA D 29 -3.67 2.95 -24.39
CA ALA D 29 -2.81 1.84 -24.00
C ALA D 29 -3.67 0.61 -23.66
N ASN D 30 -4.62 0.30 -24.55
CA ASN D 30 -5.56 -0.80 -24.38
C ASN D 30 -6.52 -0.53 -23.23
N ILE D 31 -7.40 -1.49 -22.94
CA ILE D 31 -8.43 -1.35 -21.92
C ILE D 31 -8.32 -2.51 -20.94
N ILE D 32 -8.41 -2.21 -19.66
CA ILE D 32 -8.35 -3.21 -18.60
C ILE D 32 -9.76 -3.50 -18.10
N VAL D 33 -10.13 -4.76 -18.08
CA VAL D 33 -11.41 -5.20 -17.53
C VAL D 33 -11.12 -5.85 -16.18
N GLY D 34 -11.62 -5.23 -15.12
CA GLY D 34 -11.32 -5.67 -13.77
C GLY D 34 -11.75 -7.09 -13.46
N TYR D 35 -10.80 -7.92 -13.04
CA TYR D 35 -11.04 -9.31 -12.66
C TYR D 35 -11.64 -10.13 -13.80
N GLY D 36 -11.59 -9.63 -15.02
CA GLY D 36 -12.05 -10.39 -16.17
C GLY D 36 -13.54 -10.58 -16.26
N GLU D 37 -14.34 -9.72 -15.65
CA GLU D 37 -15.79 -9.83 -15.68
C GLU D 37 -16.40 -8.51 -16.13
N TRP D 38 -17.31 -8.58 -17.09
CA TRP D 38 -18.06 -7.41 -17.49
C TRP D 38 -19.24 -7.18 -16.54
N PRO D 39 -19.69 -5.93 -16.40
CA PRO D 39 -20.86 -5.67 -15.56
C PRO D 39 -22.11 -6.36 -16.09
N SER D 40 -23.00 -6.72 -15.18
CA SER D 40 -24.21 -7.44 -15.54
C SER D 40 -25.28 -7.16 -14.48
N TYR D 41 -26.51 -7.50 -14.82
CA TYR D 41 -27.65 -7.31 -13.92
C TYR D 41 -27.76 -8.48 -12.94
N CYS D 42 -28.57 -8.27 -11.90
CA CYS D 42 -28.75 -9.28 -10.87
C CYS D 42 -29.71 -10.36 -11.35
N SER D 43 -29.36 -11.62 -11.08
CA SER D 43 -30.18 -12.74 -11.51
C SER D 43 -31.31 -12.99 -10.52
N ASP D 44 -32.27 -13.81 -10.95
CA ASP D 44 -33.42 -14.12 -10.11
C ASP D 44 -33.03 -14.97 -8.91
N SER D 45 -32.06 -15.86 -9.06
CA SER D 45 -31.64 -16.72 -7.95
C SER D 45 -30.78 -15.99 -6.93
N ASP D 46 -30.23 -14.84 -7.29
CA ASP D 46 -29.39 -14.08 -6.36
C ASP D 46 -30.15 -12.96 -5.65
N ALA D 47 -31.23 -12.47 -6.23
CA ALA D 47 -31.98 -11.38 -5.64
C ALA D 47 -32.73 -11.83 -4.40
N THR D 48 -33.01 -10.88 -3.52
CA THR D 48 -33.77 -11.17 -2.31
C THR D 48 -34.96 -10.24 -2.12
N ALA D 49 -34.89 -9.00 -2.60
CA ALA D 49 -36.02 -8.09 -2.50
C ALA D 49 -37.10 -8.50 -3.49
N VAL D 50 -38.36 -8.29 -3.11
CA VAL D 50 -39.48 -8.78 -3.91
C VAL D 50 -40.08 -7.72 -4.83
N ASP D 51 -39.85 -6.43 -4.57
CA ASP D 51 -40.42 -5.40 -5.42
C ASP D 51 -39.67 -5.31 -6.75
N LYS D 52 -40.37 -4.81 -7.76
CA LYS D 52 -39.78 -4.70 -9.09
C LYS D 52 -38.83 -3.51 -9.15
N PRO D 53 -37.57 -3.71 -9.54
CA PRO D 53 -36.63 -2.58 -9.63
C PRO D 53 -36.86 -1.76 -10.88
N THR D 54 -36.23 -0.59 -10.90
CA THR D 54 -36.30 0.32 -12.03
C THR D 54 -34.92 0.43 -12.69
N ARG D 55 -34.92 0.53 -14.01
CA ARG D 55 -33.68 0.58 -14.80
C ARG D 55 -33.78 1.76 -15.77
N PRO D 56 -33.31 2.94 -15.36
CA PRO D 56 -33.48 4.13 -16.20
C PRO D 56 -32.71 4.09 -17.51
N ASP D 57 -31.67 3.25 -17.62
CA ASP D 57 -30.93 3.04 -18.84
C ASP D 57 -30.17 4.29 -19.27
N VAL D 58 -30.55 4.87 -20.41
CA VAL D 58 -29.74 5.91 -21.05
C VAL D 58 -29.61 7.17 -20.22
N SER D 59 -30.60 7.47 -19.38
CA SER D 59 -30.57 8.72 -18.62
C SER D 59 -29.54 8.71 -17.51
N VAL D 60 -29.10 7.52 -17.06
CA VAL D 60 -28.14 7.40 -15.98
C VAL D 60 -26.81 6.84 -16.45
N ASN D 61 -26.82 5.95 -17.44
CA ASN D 61 -25.59 5.34 -17.95
C ASN D 61 -25.00 6.26 -19.00
N ARG D 62 -24.19 7.22 -18.55
CA ARG D 62 -23.56 8.18 -19.43
C ARG D 62 -22.33 8.74 -18.74
N PHE D 63 -21.48 9.39 -19.53
CA PHE D 63 -20.20 9.89 -19.03
C PHE D 63 -20.41 11.19 -18.25
N TYR D 64 -19.80 11.28 -17.08
CA TYR D 64 -19.79 12.48 -16.25
C TYR D 64 -18.35 12.92 -16.03
N THR D 65 -18.13 14.23 -16.05
CA THR D 65 -16.80 14.80 -15.85
C THR D 65 -16.75 15.55 -14.52
N LEU D 66 -15.78 15.20 -13.69
CA LEU D 66 -15.59 15.83 -12.39
C LEU D 66 -14.65 17.02 -12.52
N ASP D 67 -14.20 17.55 -11.39
CA ASP D 67 -13.30 18.69 -11.41
C ASP D 67 -11.90 18.27 -11.87
N THR D 68 -11.01 19.26 -11.94
CA THR D 68 -9.68 19.09 -12.50
C THR D 68 -8.63 19.40 -11.44
N LYS D 69 -7.62 18.54 -11.35
CA LYS D 69 -6.49 18.73 -10.46
C LYS D 69 -5.25 19.13 -11.25
N LEU D 70 -4.31 19.76 -10.56
CA LEU D 70 -3.08 20.25 -11.18
C LEU D 70 -1.91 19.40 -10.72
N TRP D 71 -1.11 18.94 -11.68
CA TRP D 71 0.07 18.13 -11.39
C TRP D 71 1.28 19.05 -11.28
N GLU D 72 1.99 18.96 -10.16
CA GLU D 72 3.16 19.79 -9.90
C GLU D 72 4.34 18.90 -9.56
N LYS D 73 5.52 19.53 -9.46
CA LYS D 73 6.74 18.80 -9.15
C LYS D 73 6.78 18.29 -7.72
N SER D 74 5.89 18.76 -6.84
CA SER D 74 5.87 18.35 -5.45
C SER D 74 4.54 17.72 -5.06
N SER D 75 3.77 17.23 -6.02
CA SER D 75 2.48 16.62 -5.73
C SER D 75 2.66 15.29 -5.03
N LYS D 76 1.63 14.88 -4.28
CA LYS D 76 1.64 13.62 -3.56
C LYS D 76 0.62 12.62 -4.08
N GLY D 77 -0.60 13.04 -4.35
CA GLY D 77 -1.64 12.17 -4.85
C GLY D 77 -3.00 12.49 -4.27
N TRP D 78 -4.02 11.92 -4.90
CA TRP D 78 -5.41 12.17 -4.53
C TRP D 78 -6.18 10.85 -4.59
N TYR D 79 -7.38 10.86 -4.03
CA TYR D 79 -8.26 9.71 -4.12
C TYR D 79 -9.70 10.15 -4.13
N TRP D 80 -10.55 9.28 -4.68
CA TRP D 80 -11.99 9.50 -4.75
C TRP D 80 -12.70 8.24 -4.30
N LYS D 81 -13.96 8.39 -3.90
CA LYS D 81 -14.78 7.29 -3.41
C LYS D 81 -16.02 7.13 -4.29
N PHE D 82 -16.37 5.89 -4.59
CA PHE D 82 -17.49 5.55 -5.45
C PHE D 82 -18.55 4.80 -4.65
N PRO D 83 -19.85 5.06 -4.91
CA PRO D 83 -20.39 6.02 -5.88
C PRO D 83 -20.66 7.37 -5.25
N ASP D 84 -19.86 7.75 -4.26
CA ASP D 84 -20.09 8.99 -3.54
C ASP D 84 -19.90 10.20 -4.46
N VAL D 85 -19.12 10.06 -5.52
CA VAL D 85 -18.83 11.20 -6.40
C VAL D 85 -20.08 11.67 -7.13
N LEU D 86 -20.96 10.74 -7.51
CA LEU D 86 -22.13 11.08 -8.31
C LEU D 86 -23.40 11.23 -7.49
N THR D 87 -23.30 11.28 -6.17
CA THR D 87 -24.49 11.33 -5.33
C THR D 87 -25.33 12.59 -5.58
N GLU D 88 -24.69 13.70 -5.96
CA GLU D 88 -25.38 14.97 -6.12
C GLU D 88 -25.31 15.49 -7.55
N THR D 89 -25.29 14.59 -8.53
CA THR D 89 -25.10 14.97 -9.93
C THR D 89 -26.15 14.28 -10.80
N GLY D 90 -27.08 15.08 -11.33
CA GLY D 90 -27.97 14.62 -12.38
C GLY D 90 -29.00 13.59 -11.98
N VAL D 91 -29.52 12.91 -13.01
CA VAL D 91 -30.57 11.92 -12.81
C VAL D 91 -30.06 10.74 -12.00
N PHE D 92 -28.79 10.37 -12.17
CA PHE D 92 -28.23 9.31 -11.34
C PHE D 92 -28.26 9.69 -9.87
N GLY D 93 -27.88 10.93 -9.56
CA GLY D 93 -27.94 11.39 -8.19
C GLY D 93 -29.35 11.41 -7.63
N GLN D 94 -30.31 11.88 -8.43
CA GLN D 94 -31.69 11.91 -7.99
C GLN D 94 -32.21 10.50 -7.71
N ASN D 95 -31.92 9.55 -8.60
CA ASN D 95 -32.35 8.18 -8.38
C ASN D 95 -31.66 7.59 -7.15
N ALA D 96 -30.40 7.93 -6.94
CA ALA D 96 -29.67 7.43 -5.78
C ALA D 96 -30.28 7.91 -4.47
N GLN D 97 -30.67 9.18 -4.40
CA GLN D 97 -31.24 9.66 -3.14
C GLN D 97 -32.74 9.45 -3.01
N PHE D 98 -33.41 9.02 -4.08
CA PHE D 98 -34.83 8.68 -3.98
C PHE D 98 -35.07 7.20 -3.63
N HIS D 99 -34.08 6.34 -3.81
CA HIS D 99 -34.24 4.91 -3.60
C HIS D 99 -33.36 4.43 -2.46
N TYR D 100 -33.69 3.26 -1.92
CA TYR D 100 -32.93 2.69 -0.82
C TYR D 100 -31.80 1.79 -1.32
N LEU D 101 -32.08 0.99 -2.35
CA LEU D 101 -31.13 0.01 -2.85
C LEU D 101 -30.51 0.46 -4.17
N TYR D 102 -29.30 -0.01 -4.44
CA TYR D 102 -28.54 0.40 -5.62
C TYR D 102 -27.50 -0.65 -5.97
N ARG D 103 -27.24 -0.78 -7.27
CA ARG D 103 -26.12 -1.57 -7.76
C ARG D 103 -25.83 -1.17 -9.20
N SER D 104 -24.54 -1.14 -9.54
CA SER D 104 -24.11 -0.81 -10.90
C SER D 104 -22.61 -1.03 -11.02
N GLY D 105 -22.15 -1.10 -12.27
CA GLY D 105 -20.73 -1.08 -12.58
C GLY D 105 -20.26 0.30 -12.97
N PHE D 106 -19.00 0.39 -13.37
CA PHE D 106 -18.42 1.68 -13.70
C PHE D 106 -17.38 1.53 -14.80
N CYS D 107 -17.20 2.60 -15.56
CA CYS D 107 -16.13 2.73 -16.54
C CYS D 107 -15.42 4.05 -16.28
N ILE D 108 -14.10 3.99 -16.07
CA ILE D 108 -13.33 5.13 -15.61
C ILE D 108 -12.30 5.50 -16.66
N HIS D 109 -12.20 6.80 -16.97
CA HIS D 109 -11.25 7.31 -17.93
C HIS D 109 -10.54 8.51 -17.33
N VAL D 110 -9.21 8.51 -17.37
CA VAL D 110 -8.39 9.58 -16.80
C VAL D 110 -7.57 10.20 -17.92
N GLN D 111 -7.60 11.53 -18.02
CA GLN D 111 -6.89 12.25 -19.06
C GLN D 111 -5.76 13.08 -18.47
N CYS D 112 -4.61 13.04 -19.12
CA CYS D 112 -3.48 13.90 -18.77
C CYS D 112 -2.51 13.92 -19.94
N ASN D 113 -2.32 15.09 -20.55
CA ASN D 113 -1.46 15.22 -21.72
C ASN D 113 -0.36 16.24 -21.46
N ALA D 114 0.74 16.09 -22.18
CA ALA D 114 1.87 17.00 -22.11
C ALA D 114 2.55 17.01 -23.47
N SER D 115 3.76 17.55 -23.53
CA SER D 115 4.53 17.59 -24.78
C SER D 115 5.54 16.47 -24.81
N LYS D 116 6.32 16.43 -25.88
CA LYS D 116 7.36 15.42 -26.02
C LYS D 116 8.61 15.74 -25.22
N PHE D 117 8.68 16.92 -24.61
CA PHE D 117 9.81 17.32 -23.78
C PHE D 117 9.51 17.25 -22.29
N HIS D 118 8.34 16.75 -21.91
CA HIS D 118 7.99 16.54 -20.52
C HIS D 118 8.25 15.08 -20.13
N GLN D 119 8.20 14.82 -18.82
CA GLN D 119 8.40 13.45 -18.34
C GLN D 119 7.69 13.28 -17.01
N GLY D 120 7.42 12.02 -16.67
CA GLY D 120 6.72 11.68 -15.45
C GLY D 120 5.87 10.44 -15.65
N ALA D 121 5.43 9.86 -14.53
CA ALA D 121 4.62 8.66 -14.56
C ALA D 121 3.63 8.67 -13.41
N LEU D 122 2.39 8.27 -13.70
CA LEU D 122 1.33 8.18 -12.71
C LEU D 122 0.85 6.75 -12.60
N LEU D 123 0.39 6.38 -11.40
CA LEU D 123 -0.21 5.07 -11.16
C LEU D 123 -1.69 5.26 -10.84
N VAL D 124 -2.54 4.60 -11.61
CA VAL D 124 -3.99 4.67 -11.44
C VAL D 124 -4.48 3.27 -11.08
N ALA D 125 -5.14 3.16 -9.93
CA ALA D 125 -5.56 1.85 -9.44
C ALA D 125 -6.90 1.96 -8.75
N VAL D 126 -7.59 0.82 -8.66
CA VAL D 126 -8.89 0.72 -8.01
C VAL D 126 -8.76 -0.26 -6.86
N LEU D 127 -9.08 0.20 -5.64
CA LEU D 127 -8.96 -0.62 -4.44
C LEU D 127 -10.31 -0.79 -3.78
N PRO D 128 -10.92 -1.98 -3.83
CA PRO D 128 -12.20 -2.17 -3.17
C PRO D 128 -12.09 -2.05 -1.65
N GLU D 129 -13.13 -1.49 -1.05
CA GLU D 129 -13.24 -1.33 0.40
C GLU D 129 -12.00 -0.61 0.97
N TYR D 130 -11.83 0.63 0.53
CA TYR D 130 -10.69 1.45 0.95
C TYR D 130 -11.05 2.13 2.27
N VAL D 131 -10.52 1.60 3.36
CA VAL D 131 -10.79 2.15 4.70
C VAL D 131 -9.63 3.06 5.09
N ILE D 132 -9.96 4.24 5.57
CA ILE D 132 -8.98 5.26 5.92
C ILE D 132 -8.66 5.17 7.41
N GLY D 133 -7.37 5.32 7.75
CA GLY D 133 -6.94 5.35 9.13
C GLY D 133 -6.32 6.70 9.46
N THR D 134 -6.02 6.88 10.74
CA THR D 134 -5.42 8.10 11.25
C THR D 134 -4.01 7.84 11.76
N VAL D 135 -3.33 8.93 12.11
CA VAL D 135 -1.97 8.85 12.64
C VAL D 135 -1.94 8.55 14.12
N ALA D 136 -3.10 8.38 14.76
CA ALA D 136 -3.20 8.02 16.17
C ALA D 136 -2.46 9.02 17.06
N GLY D 137 -2.55 10.30 16.73
CA GLY D 137 -1.92 11.33 17.52
C GLY D 137 -0.42 11.42 17.38
N GLY D 138 0.16 10.74 16.41
CA GLY D 138 1.60 10.75 16.22
C GLY D 138 2.36 9.73 17.03
N THR D 139 2.15 9.73 18.35
CA THR D 139 2.81 8.76 19.22
C THR D 139 2.18 7.38 19.15
N GLY D 140 0.96 7.26 18.66
CA GLY D 140 0.28 6.00 18.57
C GLY D 140 -0.50 5.59 19.79
N THR D 141 -0.76 6.51 20.71
CA THR D 141 -1.49 6.21 21.93
C THR D 141 -2.92 6.74 21.94
N GLU D 142 -3.32 7.49 20.93
CA GLU D 142 -4.66 8.08 20.87
C GLU D 142 -5.51 7.31 19.86
N ASP D 143 -6.72 6.93 20.28
CA ASP D 143 -7.65 6.22 19.40
C ASP D 143 -8.56 7.22 18.70
N SER D 144 -7.98 7.93 17.75
CA SER D 144 -8.71 8.93 16.98
C SER D 144 -9.32 8.30 15.73
N HIS D 145 -10.26 9.01 15.13
CA HIS D 145 -10.96 8.55 13.95
C HIS D 145 -11.04 9.65 12.91
N PRO D 146 -11.04 9.31 11.62
CA PRO D 146 -11.08 10.34 10.58
C PRO D 146 -12.42 11.04 10.56
N PRO D 147 -12.44 12.31 10.17
CA PRO D 147 -13.71 13.04 10.11
C PRO D 147 -14.55 12.62 8.91
N TYR D 148 -15.80 13.10 8.91
CA TYR D 148 -16.73 12.74 7.85
C TYR D 148 -16.26 13.27 6.49
N LYS D 149 -15.73 14.48 6.46
CA LYS D 149 -15.29 15.08 5.19
C LYS D 149 -14.11 14.35 4.59
N GLN D 150 -13.41 13.53 5.37
CA GLN D 150 -12.25 12.79 4.86
C GLN D 150 -12.61 11.43 4.32
N THR D 151 -13.59 10.75 4.92
CA THR D 151 -13.98 9.43 4.46
C THR D 151 -14.79 9.47 3.17
N GLN D 152 -15.62 10.50 3.00
CA GLN D 152 -16.41 10.69 1.79
C GLN D 152 -16.18 12.10 1.29
N PRO D 153 -15.06 12.33 0.59
CA PRO D 153 -14.72 13.70 0.18
C PRO D 153 -15.63 14.30 -0.87
N GLY D 154 -16.45 13.49 -1.53
CA GLY D 154 -17.33 14.00 -2.57
C GLY D 154 -16.66 14.03 -3.93
N ALA D 155 -17.13 14.95 -4.77
CA ALA D 155 -16.61 15.05 -6.13
C ALA D 155 -15.26 15.76 -6.18
N ASP D 156 -14.85 16.41 -5.10
CA ASP D 156 -13.58 17.13 -5.10
C ASP D 156 -12.39 16.23 -4.80
N GLY D 157 -12.59 15.09 -4.16
CA GLY D 157 -11.48 14.23 -3.80
C GLY D 157 -10.75 14.74 -2.57
N PHE D 158 -9.68 14.02 -2.23
CA PHE D 158 -8.89 14.35 -1.05
C PHE D 158 -7.43 14.05 -1.34
N GLU D 159 -6.54 14.88 -0.80
CA GLU D 159 -5.12 14.73 -1.02
C GLU D 159 -4.49 13.83 0.04
N LEU D 160 -3.64 12.90 -0.40
CA LEU D 160 -2.98 11.99 0.51
C LEU D 160 -1.97 12.73 1.39
N GLN D 161 -1.84 12.28 2.63
CA GLN D 161 -0.87 12.84 3.57
C GLN D 161 0.40 12.00 3.67
N HIS D 162 0.26 10.67 3.69
CA HIS D 162 1.40 9.75 3.73
C HIS D 162 1.20 8.73 2.62
N PRO D 163 1.55 9.09 1.38
CA PRO D 163 1.29 8.17 0.26
C PRO D 163 2.04 6.86 0.34
N TYR D 164 3.14 6.80 1.10
CA TYR D 164 3.90 5.56 1.19
C TYR D 164 3.10 4.43 1.81
N VAL D 165 2.26 4.74 2.79
CA VAL D 165 1.42 3.74 3.46
C VAL D 165 -0.03 3.85 3.02
N LEU D 166 -0.33 4.67 2.01
CA LEU D 166 -1.68 4.83 1.47
C LEU D 166 -2.67 5.28 2.53
N ASP D 167 -2.18 5.93 3.59
CA ASP D 167 -2.98 6.41 4.70
C ASP D 167 -3.74 5.27 5.39
N ALA D 168 -3.29 4.03 5.22
CA ALA D 168 -3.95 2.90 5.85
C ALA D 168 -2.98 1.85 6.37
N GLY D 169 -1.69 2.14 6.41
CA GLY D 169 -0.74 1.17 6.92
C GLY D 169 -0.42 0.03 5.98
N ILE D 170 -0.62 0.20 4.68
CA ILE D 170 -0.32 -0.84 3.70
C ILE D 170 0.61 -0.24 2.64
N PRO D 171 1.58 -1.01 2.12
CA PRO D 171 2.56 -0.43 1.20
C PRO D 171 1.95 -0.15 -0.17
N ILE D 172 2.40 0.96 -0.77
CA ILE D 172 1.98 1.28 -2.11
C ILE D 172 2.67 0.42 -3.16
N SER D 173 3.80 -0.19 -2.80
CA SER D 173 4.54 -1.01 -3.77
C SER D 173 3.77 -2.25 -4.18
N GLN D 174 2.80 -2.69 -3.39
CA GLN D 174 1.99 -3.86 -3.71
C GLN D 174 0.62 -3.49 -4.26
N LEU D 175 0.40 -2.23 -4.59
CA LEU D 175 -0.90 -1.80 -5.10
C LEU D 175 -1.20 -2.35 -6.48
N THR D 176 -0.19 -2.84 -7.19
CA THR D 176 -0.41 -3.36 -8.53
C THR D 176 -1.19 -4.66 -8.55
N VAL D 177 -1.43 -5.29 -7.41
CA VAL D 177 -2.26 -6.48 -7.35
C VAL D 177 -3.71 -6.20 -7.70
N CYS D 178 -4.14 -4.95 -7.61
CA CYS D 178 -5.46 -4.48 -7.96
C CYS D 178 -5.50 -4.04 -9.42
N PRO D 179 -6.68 -3.98 -10.04
CA PRO D 179 -6.77 -3.49 -11.42
C PRO D 179 -6.18 -2.10 -11.53
N HIS D 180 -5.27 -1.91 -12.50
CA HIS D 180 -4.50 -0.69 -12.54
C HIS D 180 -3.98 -0.46 -13.95
N GLN D 181 -3.53 0.77 -14.19
CA GLN D 181 -2.84 1.16 -15.41
C GLN D 181 -1.87 2.29 -15.10
N TRP D 182 -0.91 2.48 -15.99
CA TRP D 182 0.09 3.54 -15.84
C TRP D 182 -0.16 4.62 -16.88
N ILE D 183 0.24 5.85 -16.53
CA ILE D 183 0.24 6.96 -17.47
C ILE D 183 1.68 7.45 -17.56
N ASN D 184 2.41 6.97 -18.57
CA ASN D 184 3.77 7.40 -18.83
C ASN D 184 3.72 8.46 -19.92
N LEU D 185 4.22 9.66 -19.61
CA LEU D 185 4.05 10.80 -20.51
C LEU D 185 4.73 10.58 -21.85
N ARG D 186 5.73 9.71 -21.91
CA ARG D 186 6.41 9.44 -23.17
C ARG D 186 5.68 8.42 -24.02
N THR D 187 4.69 7.72 -23.45
CA THR D 187 4.00 6.64 -24.16
C THR D 187 2.53 6.95 -24.41
N ASN D 188 1.77 7.25 -23.37
CA ASN D 188 0.33 7.41 -23.49
C ASN D 188 -0.12 8.62 -22.69
N ASN D 189 -1.37 9.03 -22.91
CA ASN D 189 -1.94 10.16 -22.18
C ASN D 189 -3.32 9.86 -21.60
N CYS D 190 -3.69 8.59 -21.47
CA CYS D 190 -4.99 8.24 -20.90
C CYS D 190 -4.93 6.83 -20.32
N ALA D 191 -5.88 6.55 -19.43
CA ALA D 191 -6.01 5.24 -18.82
C ALA D 191 -7.49 4.89 -18.70
N THR D 192 -7.82 3.64 -18.99
CA THR D 192 -9.21 3.18 -18.98
C THR D 192 -9.32 1.89 -18.17
N ILE D 193 -10.26 1.86 -17.23
CA ILE D 193 -10.52 0.70 -16.40
C ILE D 193 -12.03 0.47 -16.33
N ILE D 194 -12.44 -0.78 -16.49
CA ILE D 194 -13.84 -1.17 -16.37
C ILE D 194 -13.98 -2.07 -15.15
N VAL D 195 -14.87 -1.70 -14.23
CA VAL D 195 -15.03 -2.38 -12.95
C VAL D 195 -16.44 -2.90 -12.86
N PRO D 196 -16.65 -4.17 -12.53
CA PRO D 196 -18.00 -4.67 -12.27
C PRO D 196 -18.44 -4.32 -10.85
N TYR D 197 -19.64 -4.76 -10.51
CA TYR D 197 -20.16 -4.54 -9.16
C TYR D 197 -19.52 -5.51 -8.20
N ILE D 198 -18.90 -4.99 -7.14
CA ILE D 198 -18.21 -5.80 -6.15
C ILE D 198 -18.84 -5.54 -4.79
N ASN D 199 -19.38 -6.59 -4.19
CA ASN D 199 -19.99 -6.51 -2.87
C ASN D 199 -20.34 -7.93 -2.43
N ALA D 200 -20.59 -8.08 -1.14
CA ALA D 200 -21.06 -9.34 -0.58
C ALA D 200 -22.58 -9.44 -0.55
N LEU D 201 -23.28 -8.43 -1.04
CA LEU D 201 -24.73 -8.39 -1.10
C LEU D 201 -25.19 -8.04 -2.49
N PRO D 202 -26.35 -8.55 -2.92
CA PRO D 202 -26.86 -8.19 -4.25
C PRO D 202 -27.15 -6.71 -4.40
N PHE D 203 -27.61 -6.04 -3.34
CA PHE D 203 -27.92 -4.62 -3.37
C PHE D 203 -27.38 -3.98 -2.11
N ASP D 204 -27.19 -2.66 -2.16
CA ASP D 204 -26.71 -1.92 -0.99
C ASP D 204 -27.11 -0.47 -1.13
N SER D 205 -26.94 0.28 -0.04
CA SER D 205 -27.27 1.70 -0.02
C SER D 205 -26.17 2.51 -0.67
N ALA D 206 -26.55 3.49 -1.48
CA ALA D 206 -25.57 4.33 -2.15
C ALA D 206 -25.07 5.48 -1.28
N LEU D 207 -25.72 5.74 -0.14
CA LEU D 207 -25.33 6.85 0.71
C LEU D 207 -24.44 6.41 1.87
N ASN D 208 -24.63 5.20 2.37
CA ASN D 208 -23.91 4.75 3.56
C ASN D 208 -22.65 3.97 3.23
N HIS D 209 -22.59 3.30 2.08
CA HIS D 209 -21.51 2.39 1.77
C HIS D 209 -20.83 2.81 0.47
N CYS D 210 -19.50 2.77 0.47
CA CYS D 210 -18.70 3.03 -0.71
C CYS D 210 -18.02 1.73 -1.15
N ASN D 211 -18.23 1.34 -2.40
CA ASN D 211 -17.75 0.04 -2.85
C ASN D 211 -16.23 0.03 -3.03
N PHE D 212 -15.67 1.07 -3.64
CA PHE D 212 -14.25 1.09 -3.93
C PHE D 212 -13.77 2.53 -4.02
N GLY D 213 -12.46 2.69 -3.98
CA GLY D 213 -11.84 3.98 -4.13
C GLY D 213 -10.87 3.99 -5.30
N LEU D 214 -10.65 5.16 -5.87
CA LEU D 214 -9.77 5.35 -7.01
C LEU D 214 -8.56 6.15 -6.59
N LEU D 215 -7.36 5.64 -6.89
CA LEU D 215 -6.11 6.24 -6.46
C LEU D 215 -5.31 6.71 -7.67
N VAL D 216 -4.79 7.93 -7.60
CA VAL D 216 -3.91 8.49 -8.62
C VAL D 216 -2.70 9.06 -7.90
N VAL D 217 -1.57 8.36 -8.00
CA VAL D 217 -0.36 8.74 -7.26
C VAL D 217 0.82 8.84 -8.22
N PRO D 218 1.56 9.95 -8.22
CA PRO D 218 2.75 10.04 -9.08
C PRO D 218 3.92 9.30 -8.44
N ILE D 219 4.50 8.37 -9.19
CA ILE D 219 5.66 7.61 -8.75
C ILE D 219 6.96 8.23 -9.26
N SER D 220 6.98 8.64 -10.52
CA SER D 220 8.11 9.36 -11.10
C SER D 220 7.77 10.83 -11.19
N PRO D 221 8.54 11.72 -10.56
CA PRO D 221 8.16 13.13 -10.49
C PRO D 221 8.10 13.78 -11.86
N LEU D 222 7.16 14.73 -11.99
CA LEU D 222 7.07 15.51 -13.21
C LEU D 222 8.25 16.44 -13.34
N ASP D 223 8.75 16.59 -14.57
CA ASP D 223 9.92 17.44 -14.81
C ASP D 223 9.84 18.05 -16.19
N TYR D 224 10.37 19.26 -16.32
CA TYR D 224 10.43 19.97 -17.58
C TYR D 224 11.46 21.09 -17.45
N ASP D 225 11.81 21.68 -18.58
CA ASP D 225 12.77 22.77 -18.61
C ASP D 225 12.06 24.11 -18.58
N GLN D 226 12.79 25.15 -18.14
CA GLN D 226 12.24 26.48 -18.05
C GLN D 226 11.83 26.98 -19.43
N GLY D 227 10.63 27.54 -19.52
CA GLY D 227 10.08 28.03 -20.77
C GLY D 227 8.96 27.20 -21.33
N ALA D 228 8.85 25.94 -20.92
CA ALA D 228 7.74 25.10 -21.36
C ALA D 228 6.50 25.39 -20.52
N THR D 229 5.38 24.84 -20.96
CA THR D 229 4.12 25.06 -20.26
C THR D 229 4.18 24.42 -18.88
N PRO D 230 3.95 25.18 -17.81
CA PRO D 230 4.11 24.61 -16.46
C PRO D 230 2.82 24.08 -15.86
N VAL D 231 1.69 24.26 -16.55
CA VAL D 231 0.39 23.84 -16.04
C VAL D 231 0.01 22.54 -16.72
N ILE D 232 -0.09 21.47 -15.95
CA ILE D 232 -0.42 20.14 -16.46
C ILE D 232 -1.64 19.62 -15.69
N PRO D 233 -2.84 19.81 -16.23
CA PRO D 233 -4.05 19.37 -15.53
C PRO D 233 -4.29 17.88 -15.63
N ILE D 234 -5.10 17.38 -14.69
CA ILE D 234 -5.55 16.00 -14.68
C ILE D 234 -7.07 15.99 -14.52
N THR D 235 -7.75 15.27 -15.41
CA THR D 235 -9.20 15.25 -15.44
C THR D 235 -9.73 13.83 -15.28
N ILE D 236 -10.83 13.68 -14.55
CA ILE D 236 -11.44 12.39 -14.27
C ILE D 236 -12.81 12.34 -14.93
N THR D 237 -13.05 11.30 -15.72
CA THR D 237 -14.32 11.08 -16.38
C THR D 237 -14.77 9.65 -16.12
N LEU D 238 -16.06 9.47 -15.85
CA LEU D 238 -16.57 8.18 -15.41
C LEU D 238 -18.03 8.02 -15.83
N ALA D 239 -18.47 6.77 -15.91
CA ALA D 239 -19.82 6.46 -16.37
C ALA D 239 -20.36 5.19 -15.70
N PRO D 240 -21.55 5.24 -15.12
CA PRO D 240 -22.16 4.03 -14.58
C PRO D 240 -22.57 3.06 -15.67
N MET D 241 -22.65 1.79 -15.31
CA MET D 241 -23.06 0.74 -16.24
C MET D 241 -24.02 -0.22 -15.53
N CYS D 242 -25.15 -0.50 -16.19
CA CYS D 242 -26.14 -1.46 -15.70
C CYS D 242 -26.64 -1.09 -14.31
N SER D 243 -27.27 0.08 -14.22
CA SER D 243 -27.74 0.59 -12.94
C SER D 243 -29.14 0.10 -12.62
N GLU D 244 -29.37 -0.23 -11.35
CA GLU D 244 -30.68 -0.66 -10.86
C GLU D 244 -30.96 0.01 -9.54
N PHE D 245 -32.24 0.28 -9.27
CA PHE D 245 -32.67 0.90 -8.03
C PHE D 245 -33.94 0.25 -7.53
N ALA D 246 -34.14 0.29 -6.21
CA ALA D 246 -35.32 -0.30 -5.59
C ALA D 246 -35.57 0.35 -4.25
N GLY D 247 -36.79 0.18 -3.74
CA GLY D 247 -37.16 0.71 -2.45
C GLY D 247 -37.49 2.20 -2.48
N LEU D 248 -38.55 2.55 -3.21
CA LEU D 248 -38.87 3.96 -3.43
C LEU D 248 -39.53 4.59 -2.21
N ARG D 249 -39.02 5.75 -1.83
CA ARG D 249 -39.59 6.60 -0.78
C ARG D 249 -39.04 8.02 -0.98
N GLN D 250 -39.31 8.91 -0.03
CA GLN D 250 -38.96 10.30 -0.23
C GLN D 250 -37.45 10.49 -0.26
N ALA D 251 -37.03 11.56 -0.93
CA ALA D 251 -35.61 11.80 -1.16
C ALA D 251 -34.93 12.25 0.12
N VAL D 252 -33.80 11.61 0.44
CA VAL D 252 -32.96 12.00 1.57
C VAL D 252 -31.55 12.20 1.05
N THR D 253 -30.93 13.32 1.44
CA THR D 253 -29.62 13.67 0.92
C THR D 253 -28.47 12.99 1.65
N GLN D 254 -28.73 12.41 2.81
CA GLN D 254 -27.66 11.84 3.63
C GLN D 254 -28.22 10.98 4.75
N GLY E 1 -18.13 -54.65 26.64
CA GLY E 1 -18.10 -54.06 25.32
C GLY E 1 -16.96 -54.54 24.46
N PHE E 2 -16.71 -53.84 23.36
CA PHE E 2 -15.64 -54.21 22.45
C PHE E 2 -14.28 -53.94 23.11
N PRO E 3 -13.42 -54.95 23.21
CA PRO E 3 -12.12 -54.73 23.85
C PRO E 3 -11.20 -53.87 22.98
N THR E 4 -10.55 -52.90 23.61
CA THR E 4 -9.67 -51.96 22.92
C THR E 4 -8.46 -51.67 23.80
N GLU E 5 -7.44 -51.08 23.18
CA GLU E 5 -6.24 -50.65 23.88
C GLU E 5 -5.88 -49.23 23.47
N LEU E 6 -5.32 -48.47 24.40
CA LEU E 6 -4.93 -47.09 24.13
C LEU E 6 -3.44 -47.01 23.85
N LYS E 7 -3.08 -46.31 22.79
CA LYS E 7 -1.72 -46.18 22.33
C LYS E 7 -1.15 -44.80 22.68
N PRO E 8 0.17 -44.66 22.74
CA PRO E 8 0.75 -43.34 23.04
C PRO E 8 0.32 -42.31 22.01
N GLY E 9 0.09 -41.09 22.49
CA GLY E 9 -0.43 -40.01 21.67
C GLY E 9 -1.84 -39.61 22.01
N THR E 10 -2.50 -40.31 22.93
CA THR E 10 -3.85 -39.93 23.33
C THR E 10 -3.82 -38.68 24.20
N ASN E 11 -4.93 -37.94 24.18
CA ASN E 11 -5.18 -36.73 24.95
C ASN E 11 -4.31 -35.56 24.52
N GLN E 12 -3.48 -35.71 23.48
CA GLN E 12 -2.66 -34.60 23.02
C GLN E 12 -3.46 -33.71 22.08
N PHE E 13 -3.02 -32.45 21.98
CA PHE E 13 -3.65 -31.47 21.11
C PHE E 13 -2.61 -31.00 20.10
N LEU E 14 -2.75 -31.47 18.86
CA LEU E 14 -1.87 -31.07 17.77
C LEU E 14 -2.60 -30.05 16.90
N THR E 15 -1.98 -28.89 16.71
CA THR E 15 -2.67 -27.78 16.06
C THR E 15 -2.91 -28.01 14.57
N THR E 16 -2.14 -28.88 13.93
CA THR E 16 -2.30 -29.15 12.51
C THR E 16 -3.06 -30.45 12.23
N ASP E 17 -3.63 -31.07 13.25
CA ASP E 17 -4.38 -32.30 13.05
C ASP E 17 -5.74 -32.01 12.43
N ASP E 18 -6.15 -32.88 11.51
CA ASP E 18 -7.43 -32.76 10.81
C ASP E 18 -8.36 -33.84 11.35
N GLY E 19 -9.39 -33.43 12.09
CA GLY E 19 -10.30 -34.38 12.69
C GLY E 19 -11.76 -33.96 12.63
N VAL E 20 -12.60 -34.68 13.36
CA VAL E 20 -14.04 -34.44 13.40
C VAL E 20 -14.41 -33.97 14.80
N SER E 21 -15.24 -32.92 14.86
CA SER E 21 -15.67 -32.35 16.13
C SER E 21 -17.18 -32.24 16.14
N ALA E 22 -17.75 -32.30 17.33
CA ALA E 22 -19.20 -32.27 17.47
C ALA E 22 -19.77 -30.91 17.11
N PRO E 23 -20.80 -30.84 16.29
CA PRO E 23 -21.42 -29.55 15.95
C PRO E 23 -22.22 -29.00 17.12
N ILE E 24 -22.38 -27.68 17.11
CA ILE E 24 -23.09 -27.01 18.21
C ILE E 24 -24.54 -26.69 17.83
N LEU E 25 -24.83 -26.44 16.56
CA LEU E 25 -26.17 -26.07 16.11
C LEU E 25 -26.69 -27.13 15.15
N PRO E 26 -27.53 -28.06 15.62
CA PRO E 26 -28.09 -29.05 14.70
C PRO E 26 -29.09 -28.43 13.74
N ASN E 27 -29.15 -28.99 12.53
CA ASN E 27 -30.08 -28.60 11.48
C ASN E 27 -29.94 -27.16 11.06
N PHE E 28 -28.75 -26.58 11.18
CA PHE E 28 -28.52 -25.21 10.77
C PHE E 28 -28.09 -25.16 9.31
N HIS E 29 -28.66 -24.22 8.55
CA HIS E 29 -28.34 -24.05 7.15
C HIS E 29 -27.81 -22.64 6.90
N PRO E 30 -26.66 -22.51 6.24
CA PRO E 30 -26.05 -21.19 6.07
C PRO E 30 -26.72 -20.38 4.96
N THR E 31 -26.36 -19.11 4.91
CA THR E 31 -26.85 -18.22 3.88
C THR E 31 -26.31 -18.65 2.51
N PRO E 32 -27.14 -18.62 1.46
CA PRO E 32 -26.65 -18.99 0.13
C PRO E 32 -25.55 -18.04 -0.34
N CYS E 33 -24.65 -18.57 -1.17
CA CYS E 33 -23.51 -17.82 -1.67
C CYS E 33 -23.84 -17.26 -3.05
N ILE E 34 -23.83 -15.94 -3.16
CA ILE E 34 -24.01 -15.26 -4.44
C ILE E 34 -22.68 -15.20 -5.17
N HIS E 35 -22.70 -14.84 -6.44
CA HIS E 35 -21.47 -14.75 -7.22
C HIS E 35 -20.71 -13.47 -6.86
N ILE E 36 -19.43 -13.62 -6.53
CA ILE E 36 -18.57 -12.48 -6.23
C ILE E 36 -17.34 -12.55 -7.13
N PRO E 37 -17.02 -11.49 -7.86
CA PRO E 37 -15.85 -11.53 -8.74
C PRO E 37 -14.54 -11.56 -7.95
N GLY E 38 -13.53 -12.15 -8.58
CA GLY E 38 -12.20 -12.16 -8.02
C GLY E 38 -11.90 -13.26 -7.03
N GLU E 39 -12.38 -14.48 -7.29
CA GLU E 39 -12.12 -15.59 -6.39
C GLU E 39 -10.70 -16.11 -6.57
N VAL E 40 -10.06 -16.46 -5.45
CA VAL E 40 -8.71 -16.99 -5.44
C VAL E 40 -8.76 -18.44 -5.00
N ARG E 41 -8.12 -19.31 -5.77
CA ARG E 41 -8.07 -20.74 -5.46
C ARG E 41 -6.71 -21.21 -4.97
N ASN E 42 -5.62 -20.67 -5.53
CA ASN E 42 -4.27 -21.09 -5.17
C ASN E 42 -3.42 -19.85 -4.97
N LEU E 43 -2.52 -19.91 -3.97
CA LEU E 43 -1.65 -18.77 -3.71
C LEU E 43 -0.64 -18.54 -4.82
N LEU E 44 -0.38 -19.54 -5.65
CA LEU E 44 0.56 -19.36 -6.76
C LEU E 44 0.02 -18.41 -7.82
N GLU E 45 -1.29 -18.18 -7.85
CA GLU E 45 -1.83 -17.20 -8.78
C GLU E 45 -1.34 -15.80 -8.46
N LEU E 46 -1.24 -15.47 -7.17
CA LEU E 46 -0.77 -14.15 -6.77
C LEU E 46 0.73 -13.97 -6.96
N CYS E 47 1.50 -15.06 -6.98
CA CYS E 47 2.94 -14.96 -7.13
C CYS E 47 3.37 -14.54 -8.53
N GLN E 48 2.46 -14.55 -9.50
CA GLN E 48 2.79 -14.21 -10.88
C GLN E 48 2.39 -12.78 -11.23
N VAL E 49 2.00 -11.97 -10.26
CA VAL E 49 1.63 -10.58 -10.49
C VAL E 49 2.80 -9.70 -10.13
N GLU E 50 3.14 -8.76 -11.01
CA GLU E 50 4.29 -7.89 -10.79
C GLU E 50 4.00 -6.83 -9.74
N THR E 51 4.98 -6.57 -8.88
CA THR E 51 4.91 -5.51 -7.89
C THR E 51 6.23 -4.76 -7.90
N ILE E 52 6.22 -3.55 -7.32
CA ILE E 52 7.38 -2.68 -7.39
C ILE E 52 8.50 -3.22 -6.52
N LEU E 53 9.71 -3.27 -7.07
CA LEU E 53 10.89 -3.76 -6.38
C LEU E 53 11.76 -2.57 -5.96
N GLU E 54 12.06 -2.48 -4.67
CA GLU E 54 12.79 -1.34 -4.11
C GLU E 54 14.29 -1.59 -4.23
N VAL E 55 14.80 -1.35 -5.44
CA VAL E 55 16.24 -1.45 -5.65
C VAL E 55 16.97 -0.38 -4.86
N ASN E 56 16.44 0.85 -4.86
CA ASN E 56 17.05 1.97 -4.16
C ASN E 56 16.50 2.05 -2.73
N ASN E 57 17.01 1.16 -1.87
CA ASN E 57 16.57 1.13 -0.48
C ASN E 57 17.55 1.83 0.45
N VAL E 58 18.20 2.88 -0.02
CA VAL E 58 19.18 3.63 0.77
C VAL E 58 18.52 4.58 1.78
N PRO E 59 17.66 5.51 1.38
CA PRO E 59 17.20 6.53 2.33
C PRO E 59 16.26 5.95 3.38
N THR E 60 16.27 6.57 4.57
CA THR E 60 15.44 6.13 5.68
C THR E 60 14.60 7.24 6.30
N ASN E 61 14.87 8.50 6.00
CA ASN E 61 14.10 9.58 6.61
C ASN E 61 12.66 9.59 6.07
N ALA E 62 11.74 10.12 6.89
CA ALA E 62 10.32 9.96 6.62
C ALA E 62 9.87 10.63 5.32
N THR E 63 10.33 11.85 5.07
CA THR E 63 9.89 12.58 3.89
C THR E 63 10.48 12.04 2.59
N SER E 64 11.45 11.14 2.66
CA SER E 64 12.09 10.60 1.47
C SER E 64 11.79 9.12 1.26
N LEU E 65 10.74 8.59 1.90
CA LEU E 65 10.42 7.18 1.75
C LEU E 65 9.96 6.85 0.33
N MET E 66 9.24 7.76 -0.31
CA MET E 66 8.72 7.50 -1.65
C MET E 66 9.81 7.43 -2.70
N GLU E 67 11.00 7.95 -2.41
CA GLU E 67 12.11 7.87 -3.35
C GLU E 67 12.71 6.49 -3.45
N ARG E 68 12.32 5.56 -2.58
CA ARG E 68 12.86 4.21 -2.61
C ARG E 68 12.33 3.39 -3.79
N LEU E 69 11.34 3.89 -4.53
CA LEU E 69 10.72 3.14 -5.61
C LEU E 69 11.34 3.42 -6.96
N ARG E 70 12.44 4.17 -7.03
CA ARG E 70 13.04 4.51 -8.31
C ARG E 70 14.52 4.82 -8.09
N PHE E 71 15.30 4.67 -9.16
CA PHE E 71 16.70 5.04 -9.16
C PHE E 71 17.02 5.80 -10.43
N PRO E 72 17.93 6.77 -10.38
CA PRO E 72 18.13 7.68 -11.51
C PRO E 72 19.11 7.18 -12.55
N VAL E 73 19.04 7.82 -13.71
CA VAL E 73 19.97 7.58 -14.81
C VAL E 73 20.23 8.92 -15.50
N SER E 74 21.48 9.17 -15.90
CA SER E 74 21.85 10.44 -16.49
C SER E 74 23.05 10.23 -17.40
N ALA E 75 23.49 11.32 -18.03
CA ALA E 75 24.59 11.25 -18.98
C ALA E 75 25.92 11.04 -18.26
N GLN E 76 26.78 10.24 -18.86
CA GLN E 76 28.07 9.86 -18.30
C GLN E 76 29.19 10.16 -19.30
N ALA E 77 30.38 9.66 -19.00
CA ALA E 77 31.55 9.88 -19.83
C ALA E 77 31.75 8.78 -20.88
N GLY E 78 30.80 7.87 -21.00
CA GLY E 78 30.89 6.83 -22.01
C GLY E 78 31.99 5.82 -21.79
N LYS E 79 32.15 5.32 -20.57
CA LYS E 79 33.19 4.35 -20.26
C LYS E 79 32.61 3.12 -19.57
N GLY E 80 31.36 2.78 -19.86
CA GLY E 80 30.74 1.60 -19.29
C GLY E 80 30.59 1.66 -17.78
N GLU E 81 30.10 2.77 -17.26
CA GLU E 81 29.99 2.95 -15.82
C GLU E 81 28.90 2.09 -15.22
N LEU E 82 29.02 1.83 -13.92
CA LEU E 82 28.04 1.02 -13.20
C LEU E 82 26.86 1.87 -12.76
N CYS E 83 25.66 1.28 -12.79
CA CYS E 83 24.45 1.98 -12.39
C CYS E 83 23.93 1.50 -11.05
N ALA E 84 23.66 0.20 -10.89
CA ALA E 84 23.13 -0.32 -9.64
C ALA E 84 23.32 -1.83 -9.60
N VAL E 85 23.37 -2.37 -8.38
CA VAL E 85 23.47 -3.81 -8.15
C VAL E 85 22.51 -4.21 -7.03
N PHE E 86 22.11 -5.47 -7.05
CA PHE E 86 21.31 -6.04 -5.97
C PHE E 86 21.36 -7.55 -6.05
N ARG E 87 20.95 -8.21 -4.97
CA ARG E 87 20.95 -9.66 -4.89
C ARG E 87 19.67 -10.22 -5.47
N ALA E 88 19.73 -11.49 -5.90
CA ALA E 88 18.63 -12.15 -6.56
C ALA E 88 17.84 -13.08 -5.64
N ASP E 89 18.14 -13.10 -4.35
CA ASP E 89 17.43 -13.98 -3.43
C ASP E 89 16.07 -13.37 -3.10
N PRO E 90 14.97 -14.07 -3.35
CA PRO E 90 13.64 -13.48 -3.08
C PRO E 90 13.23 -13.51 -1.62
N GLY E 91 13.67 -14.50 -0.85
CA GLY E 91 13.32 -14.61 0.55
C GLY E 91 14.32 -13.99 1.51
N ARG E 92 15.30 -13.25 1.01
CA ARG E 92 16.33 -12.65 1.83
C ARG E 92 16.01 -11.19 2.11
N ASN E 93 16.59 -10.68 3.20
CA ASN E 93 16.41 -9.28 3.54
C ASN E 93 17.04 -8.40 2.46
N GLY E 94 16.31 -7.36 2.05
CA GLY E 94 16.79 -6.46 1.04
C GLY E 94 15.68 -5.93 0.14
N PRO E 95 16.02 -5.70 -1.13
CA PRO E 95 15.04 -5.12 -2.06
C PRO E 95 13.79 -5.95 -2.24
N TRP E 96 13.89 -7.28 -2.19
CA TRP E 96 12.74 -8.13 -2.48
C TRP E 96 11.67 -8.09 -1.39
N GLN E 97 11.96 -7.51 -0.23
CA GLN E 97 10.99 -7.49 0.85
C GLN E 97 9.78 -6.63 0.53
N SER E 98 9.90 -5.70 -0.43
CA SER E 98 8.79 -4.84 -0.77
C SER E 98 7.80 -5.47 -1.75
N THR E 99 8.14 -6.60 -2.34
CA THR E 99 7.27 -7.25 -3.31
C THR E 99 6.33 -8.23 -2.61
N LEU E 100 5.19 -8.48 -3.26
CA LEU E 100 4.25 -9.47 -2.74
C LEU E 100 4.84 -10.86 -2.78
N LEU E 101 5.68 -11.15 -3.79
CA LEU E 101 6.31 -12.45 -3.87
C LEU E 101 7.19 -12.72 -2.68
N GLY E 102 7.97 -11.72 -2.24
CA GLY E 102 8.80 -11.90 -1.06
C GLY E 102 7.98 -12.12 0.20
N GLN E 103 6.90 -11.37 0.37
CA GLN E 103 6.05 -11.54 1.54
C GLN E 103 5.42 -12.92 1.56
N LEU E 104 4.98 -13.41 0.41
CA LEU E 104 4.42 -14.77 0.35
C LEU E 104 5.48 -15.82 0.60
N CYS E 105 6.69 -15.66 0.05
CA CYS E 105 7.77 -16.59 0.33
C CYS E 105 8.16 -16.58 1.80
N GLY E 106 7.91 -15.48 2.51
CA GLY E 106 8.17 -15.45 3.94
C GLY E 106 7.39 -16.46 4.75
N TYR E 107 6.31 -17.00 4.19
CA TYR E 107 5.48 -17.99 4.87
C TYR E 107 5.85 -19.42 4.53
N TYR E 108 6.88 -19.64 3.71
CA TYR E 108 7.30 -20.97 3.30
C TYR E 108 8.81 -21.10 3.45
N THR E 109 9.27 -22.33 3.62
CA THR E 109 10.67 -22.59 3.90
C THR E 109 11.50 -22.79 2.63
N GLN E 110 10.98 -23.49 1.64
CA GLN E 110 11.74 -23.84 0.45
C GLN E 110 10.97 -23.43 -0.79
N TRP E 111 11.71 -23.12 -1.85
CA TRP E 111 11.14 -22.64 -3.11
C TRP E 111 11.94 -23.17 -4.27
N SER E 112 11.34 -23.13 -5.46
CA SER E 112 11.99 -23.58 -6.68
C SER E 112 11.30 -22.95 -7.88
N GLY E 113 12.09 -22.59 -8.88
CA GLY E 113 11.53 -22.01 -10.09
C GLY E 113 12.31 -20.83 -10.63
N SER E 114 11.82 -20.24 -11.72
CA SER E 114 12.49 -19.10 -12.33
C SER E 114 11.80 -17.79 -11.95
N LEU E 115 12.55 -16.70 -12.02
CA LEU E 115 12.08 -15.37 -11.69
C LEU E 115 12.31 -14.45 -12.87
N GLU E 116 11.61 -13.32 -12.86
CA GLU E 116 11.76 -12.32 -13.92
C GLU E 116 11.57 -10.93 -13.35
N VAL E 117 12.33 -9.98 -13.89
CA VAL E 117 12.31 -8.58 -13.47
C VAL E 117 12.08 -7.71 -14.69
N THR E 118 11.18 -6.76 -14.58
CA THR E 118 10.84 -5.84 -15.66
C THR E 118 11.23 -4.42 -15.28
N PHE E 119 11.93 -3.74 -16.17
CA PHE E 119 12.37 -2.36 -15.97
C PHE E 119 11.63 -1.46 -16.94
N MET E 120 11.07 -0.36 -16.43
CA MET E 120 10.35 0.61 -17.25
C MET E 120 11.07 1.95 -17.20
N PHE E 121 11.28 2.54 -18.37
CA PHE E 121 11.96 3.83 -18.48
C PHE E 121 10.95 4.96 -18.52
N THR E 122 11.13 5.96 -17.66
CA THR E 122 10.19 7.06 -17.52
C THR E 122 10.81 8.40 -17.88
N GLY E 123 11.63 8.42 -18.92
CA GLY E 123 12.21 9.66 -19.41
C GLY E 123 11.31 10.34 -20.41
N SER E 124 11.87 11.35 -21.07
CA SER E 124 11.13 12.07 -22.09
C SER E 124 11.17 11.32 -23.42
N PHE E 125 10.35 11.76 -24.36
CA PHE E 125 10.30 11.12 -25.67
C PHE E 125 11.58 11.33 -26.45
N MET E 126 12.30 12.41 -26.18
CA MET E 126 13.50 12.73 -26.94
C MET E 126 14.76 12.07 -26.41
N ALA E 127 14.68 11.38 -25.28
CA ALA E 127 15.85 10.73 -24.69
C ALA E 127 16.08 9.36 -25.30
N THR E 128 17.35 9.02 -25.51
CA THR E 128 17.75 7.74 -26.06
C THR E 128 18.92 7.18 -25.25
N GLY E 129 19.10 5.87 -25.35
CA GLY E 129 20.21 5.24 -24.66
C GLY E 129 20.11 3.73 -24.74
N LYS E 130 21.18 3.08 -24.30
CA LYS E 130 21.26 1.63 -24.26
C LYS E 130 21.90 1.20 -22.95
N MET E 131 21.39 0.10 -22.38
CA MET E 131 21.85 -0.40 -21.09
C MET E 131 22.13 -1.90 -21.20
N LEU E 132 23.01 -2.38 -20.34
CA LEU E 132 23.31 -3.80 -20.25
C LEU E 132 22.96 -4.29 -18.85
N ILE E 133 22.15 -5.35 -18.78
CA ILE E 133 21.72 -5.93 -17.52
C ILE E 133 22.19 -7.38 -17.49
N ALA E 134 22.93 -7.74 -16.44
CA ALA E 134 23.58 -9.03 -16.37
C ALA E 134 23.20 -9.77 -15.08
N TYR E 135 23.17 -11.09 -15.17
CA TYR E 135 22.91 -11.96 -14.03
C TYR E 135 24.09 -12.90 -13.86
N THR E 136 24.64 -12.94 -12.64
CA THR E 136 25.82 -13.74 -12.36
C THR E 136 25.44 -14.96 -11.52
N PRO E 137 25.65 -16.17 -12.02
CA PRO E 137 25.32 -17.37 -11.24
C PRO E 137 26.18 -17.46 -10.00
N PRO E 138 25.83 -18.34 -9.05
CA PRO E 138 26.58 -18.41 -7.79
C PRO E 138 28.03 -18.78 -8.01
N GLY E 139 28.89 -18.28 -7.12
CA GLY E 139 30.31 -18.58 -7.18
C GLY E 139 31.15 -17.40 -7.59
N GLY E 140 30.68 -16.63 -8.57
CA GLY E 140 31.40 -15.48 -9.04
C GLY E 140 31.19 -14.28 -8.15
N PRO E 141 32.26 -13.52 -7.92
CA PRO E 141 32.13 -12.30 -7.11
C PRO E 141 31.38 -11.21 -7.87
N LEU E 142 31.22 -10.08 -7.20
CA LEU E 142 30.60 -8.93 -7.84
C LEU E 142 31.50 -8.42 -8.95
N PRO E 143 31.01 -8.31 -10.18
CA PRO E 143 31.87 -7.87 -11.29
C PRO E 143 32.42 -6.47 -11.05
N LYS E 144 33.66 -6.25 -11.46
CA LYS E 144 34.32 -4.96 -11.29
C LYS E 144 34.21 -4.07 -12.51
N ASP E 145 33.84 -4.61 -13.67
CA ASP E 145 33.66 -3.82 -14.88
C ASP E 145 32.70 -4.55 -15.80
N ARG E 146 32.35 -3.89 -16.91
CA ARG E 146 31.40 -4.47 -17.86
C ARG E 146 31.99 -5.69 -18.55
N ALA E 147 33.30 -5.70 -18.79
CA ALA E 147 33.93 -6.82 -19.47
C ALA E 147 33.80 -8.10 -18.66
N THR E 148 33.88 -8.02 -17.33
CA THR E 148 33.66 -9.19 -16.50
C THR E 148 32.19 -9.55 -16.42
N ALA E 149 31.31 -8.54 -16.41
CA ALA E 149 29.88 -8.81 -16.25
C ALA E 149 29.28 -9.47 -17.47
N MET E 150 29.79 -9.18 -18.67
CA MET E 150 29.17 -9.73 -19.87
C MET E 150 29.33 -11.23 -19.99
N LEU E 151 30.21 -11.85 -19.20
CA LEU E 151 30.49 -13.26 -19.33
C LEU E 151 29.34 -14.14 -18.85
N GLY E 152 28.40 -13.59 -18.07
CA GLY E 152 27.25 -14.32 -17.60
C GLY E 152 26.04 -14.07 -18.47
N THR E 153 24.88 -14.48 -17.94
CA THR E 153 23.62 -14.25 -18.62
C THR E 153 23.27 -12.76 -18.61
N HIS E 154 22.94 -12.22 -19.77
CA HIS E 154 22.69 -10.79 -19.87
C HIS E 154 21.76 -10.49 -21.03
N VAL E 155 21.23 -9.28 -21.02
CA VAL E 155 20.38 -8.77 -22.10
C VAL E 155 20.75 -7.31 -22.32
N ILE E 156 20.67 -6.87 -23.58
CA ILE E 156 20.97 -5.49 -23.95
C ILE E 156 19.66 -4.78 -24.23
N TRP E 157 19.44 -3.66 -23.56
CA TRP E 157 18.18 -2.93 -23.61
C TRP E 157 18.35 -1.66 -24.44
N ASP E 158 17.43 -1.44 -25.37
CA ASP E 158 17.44 -0.27 -26.24
C ASP E 158 16.18 0.55 -25.97
N PHE E 159 16.35 1.83 -25.65
CA PHE E 159 15.20 2.69 -25.40
C PHE E 159 14.46 2.97 -26.71
N GLY E 160 13.14 2.99 -26.63
CA GLY E 160 12.33 3.24 -27.82
C GLY E 160 10.85 3.39 -27.53
N LEU E 161 10.02 3.04 -28.51
CA LEU E 161 8.58 3.13 -28.31
C LEU E 161 8.11 2.19 -27.21
N GLN E 162 8.64 0.97 -27.17
CA GLN E 162 8.39 0.07 -26.06
C GLN E 162 9.29 0.47 -24.90
N SER E 163 8.69 0.92 -23.80
CA SER E 163 9.44 1.50 -22.70
C SER E 163 9.91 0.48 -21.66
N SER E 164 9.64 -0.80 -21.86
CA SER E 164 9.96 -1.82 -20.88
C SER E 164 10.73 -2.97 -21.51
N VAL E 165 11.59 -3.59 -20.69
CA VAL E 165 12.32 -4.80 -21.07
C VAL E 165 12.21 -5.77 -19.91
N THR E 166 12.34 -7.05 -20.22
CA THR E 166 12.24 -8.11 -19.22
C THR E 166 13.54 -8.88 -19.14
N LEU E 167 14.05 -9.02 -17.91
CA LEU E 167 15.18 -9.89 -17.63
C LEU E 167 14.68 -11.15 -16.95
N VAL E 168 15.05 -12.30 -17.49
CA VAL E 168 14.63 -13.58 -16.94
C VAL E 168 15.81 -14.21 -16.19
N ILE E 169 15.57 -14.58 -14.94
CA ILE E 169 16.58 -15.25 -14.13
C ILE E 169 16.29 -16.74 -14.13
N PRO E 170 16.95 -17.53 -14.96
CA PRO E 170 16.63 -18.96 -15.05
C PRO E 170 17.03 -19.71 -13.79
N TRP E 171 16.33 -20.82 -13.56
CA TRP E 171 16.61 -21.67 -12.41
C TRP E 171 17.89 -22.45 -12.65
N ILE E 172 18.96 -22.06 -11.97
CA ILE E 172 20.26 -22.74 -12.07
C ILE E 172 20.67 -23.07 -10.65
N SER E 173 20.53 -24.33 -10.26
CA SER E 173 20.84 -24.76 -8.90
C SER E 173 21.31 -26.20 -8.92
N ASN E 174 22.01 -26.58 -7.85
CA ASN E 174 22.44 -27.97 -7.72
C ASN E 174 21.39 -28.83 -7.05
N THR E 175 20.56 -28.25 -6.20
CA THR E 175 19.49 -28.96 -5.54
C THR E 175 18.15 -28.66 -6.19
N HIS E 176 17.19 -29.56 -5.97
CA HIS E 176 15.85 -29.37 -6.54
C HIS E 176 15.13 -28.20 -5.88
N TYR E 177 15.42 -27.95 -4.61
CA TYR E 177 14.80 -26.86 -3.86
C TYR E 177 15.89 -26.05 -3.16
N ARG E 178 15.56 -24.80 -2.86
CA ARG E 178 16.45 -23.91 -2.12
C ARG E 178 15.74 -23.41 -0.87
N ALA E 179 16.44 -23.42 0.25
CA ALA E 179 15.96 -22.74 1.44
C ALA E 179 16.31 -21.26 1.36
N HIS E 180 15.78 -20.48 2.31
CA HIS E 180 16.01 -19.05 2.32
C HIS E 180 17.44 -18.76 2.74
N ALA E 181 18.22 -18.15 1.85
CA ALA E 181 19.62 -17.91 2.11
C ALA E 181 19.82 -16.73 3.04
N ARG E 182 20.92 -16.77 3.79
CA ARG E 182 21.31 -15.69 4.69
C ARG E 182 22.79 -15.85 5.01
N ASP E 183 23.30 -14.93 5.81
CA ASP E 183 24.71 -14.95 6.17
C ASP E 183 25.04 -16.19 6.99
N GLY E 184 26.20 -16.77 6.73
CA GLY E 184 26.61 -17.96 7.44
C GLY E 184 26.68 -19.19 6.56
N VAL E 185 26.45 -20.37 7.15
CA VAL E 185 26.47 -21.60 6.37
C VAL E 185 25.28 -21.67 5.43
N PHE E 186 24.24 -20.88 5.70
CA PHE E 186 23.06 -20.90 4.84
C PHE E 186 23.22 -20.07 3.58
N ASP E 187 24.38 -19.43 3.40
CA ASP E 187 24.68 -18.79 2.12
C ASP E 187 24.90 -19.81 1.02
N TYR E 188 24.95 -21.10 1.37
CA TYR E 188 25.04 -22.18 0.40
C TYR E 188 23.86 -22.18 -0.56
N TYR E 189 22.74 -21.57 -0.18
CA TYR E 189 21.53 -21.52 -1.00
C TYR E 189 21.40 -20.21 -1.77
N THR E 190 22.48 -19.47 -1.96
CA THR E 190 22.39 -18.18 -2.63
C THR E 190 22.06 -18.36 -4.10
N THR E 191 21.50 -17.30 -4.70
CA THR E 191 21.05 -17.34 -6.09
C THR E 191 22.02 -16.66 -7.04
N GLY E 192 22.54 -15.49 -6.68
CA GLY E 192 23.47 -14.79 -7.53
C GLY E 192 23.30 -13.29 -7.36
N LEU E 193 23.81 -12.55 -8.35
CA LEU E 193 23.81 -11.10 -8.31
C LEU E 193 23.32 -10.55 -9.63
N VAL E 194 22.76 -9.34 -9.58
CA VAL E 194 22.28 -8.63 -10.76
C VAL E 194 22.92 -7.25 -10.78
N SER E 195 23.46 -6.85 -11.94
CA SER E 195 24.09 -5.56 -12.09
C SER E 195 23.63 -4.90 -13.39
N ILE E 196 23.65 -3.57 -13.40
CA ILE E 196 23.22 -2.79 -14.55
C ILE E 196 24.36 -1.85 -14.93
N TRP E 197 24.71 -1.83 -16.22
CA TRP E 197 25.80 -1.03 -16.72
C TRP E 197 25.33 -0.20 -17.91
N TYR E 198 26.01 0.92 -18.13
CA TYR E 198 25.77 1.74 -19.30
C TYR E 198 26.36 1.07 -20.54
N GLN E 199 25.58 0.99 -21.60
CA GLN E 199 26.10 0.41 -22.83
C GLN E 199 26.75 1.46 -23.72
N THR E 200 26.02 2.50 -24.13
CA THR E 200 26.62 3.58 -24.90
C THR E 200 26.59 4.90 -24.13
N ASN E 201 25.41 5.45 -23.83
CA ASN E 201 25.28 6.72 -23.11
C ASN E 201 23.81 7.07 -22.98
N TYR E 202 23.55 8.13 -22.22
CA TYR E 202 22.22 8.75 -22.16
C TYR E 202 22.30 10.09 -22.89
N VAL E 203 21.52 10.24 -23.95
CA VAL E 203 21.65 11.36 -24.87
C VAL E 203 20.32 12.10 -24.95
N VAL E 204 20.38 13.43 -24.81
CA VAL E 204 19.20 14.27 -24.95
C VAL E 204 19.55 15.50 -25.76
N PRO E 205 18.55 16.10 -26.43
CA PRO E 205 18.79 17.35 -27.15
C PRO E 205 18.69 18.56 -26.25
N ILE E 206 18.77 19.76 -26.83
CA ILE E 206 18.64 20.99 -26.06
C ILE E 206 17.18 21.17 -25.63
N GLY E 207 16.97 21.45 -24.35
CA GLY E 207 15.65 21.68 -23.83
C GLY E 207 14.99 20.50 -23.15
N ALA E 208 15.70 19.40 -22.97
CA ALA E 208 15.15 18.24 -22.29
C ALA E 208 15.84 18.04 -20.94
N PRO E 209 15.14 17.46 -19.97
CA PRO E 209 15.75 17.24 -18.66
C PRO E 209 16.95 16.31 -18.75
N ASN E 210 17.93 16.56 -17.87
CA ASN E 210 19.18 15.80 -17.88
C ASN E 210 19.12 14.52 -17.07
N THR E 211 18.04 14.27 -16.33
CA THR E 211 17.94 13.11 -15.47
C THR E 211 16.60 12.42 -15.67
N ALA E 212 16.60 11.10 -15.60
CA ALA E 212 15.39 10.30 -15.71
C ALA E 212 15.47 9.18 -14.69
N TYR E 213 14.34 8.49 -14.50
CA TYR E 213 14.23 7.47 -13.48
C TYR E 213 13.72 6.16 -14.09
N ILE E 214 14.06 5.06 -13.43
CA ILE E 214 13.68 3.72 -13.86
C ILE E 214 12.95 3.02 -12.73
N ILE E 215 11.84 2.36 -13.05
CA ILE E 215 11.03 1.63 -12.09
C ILE E 215 11.15 0.16 -12.40
N ALA E 216 11.38 -0.65 -11.37
CA ALA E 216 11.58 -2.09 -11.51
C ALA E 216 10.40 -2.86 -10.95
N LEU E 217 9.99 -3.91 -11.66
CA LEU E 217 8.88 -4.75 -11.27
C LEU E 217 9.32 -6.20 -11.30
N ALA E 218 8.88 -6.99 -10.32
CA ALA E 218 9.34 -8.38 -10.18
C ALA E 218 8.15 -9.30 -9.97
N ALA E 219 8.31 -10.54 -10.43
CA ALA E 219 7.29 -11.57 -10.31
C ALA E 219 7.95 -12.92 -10.50
N ALA E 220 7.15 -13.97 -10.68
CA ALA E 220 7.63 -15.33 -10.83
C ALA E 220 7.12 -15.95 -12.13
N GLN E 221 7.80 -16.99 -12.58
CA GLN E 221 7.45 -17.70 -13.80
C GLN E 221 6.36 -18.75 -13.50
N LYS E 222 6.07 -19.59 -14.47
CA LYS E 222 5.01 -20.58 -14.34
C LYS E 222 5.49 -21.88 -13.71
N ASN E 223 6.79 -22.05 -13.50
CA ASN E 223 7.32 -23.24 -12.85
C ASN E 223 7.68 -22.99 -11.39
N PHE E 224 7.24 -21.88 -10.82
CA PHE E 224 7.54 -21.55 -9.43
C PHE E 224 6.69 -22.40 -8.49
N THR E 225 7.28 -22.80 -7.37
CA THR E 225 6.61 -23.67 -6.40
C THR E 225 7.25 -23.48 -5.04
N MET E 226 6.42 -23.57 -3.99
CA MET E 226 6.87 -23.46 -2.61
C MET E 226 6.33 -24.65 -1.81
N LYS E 227 6.94 -24.91 -0.65
CA LYS E 227 6.47 -25.99 0.19
C LYS E 227 6.96 -25.79 1.63
N LEU E 228 6.42 -26.63 2.52
CA LEU E 228 6.76 -26.65 3.95
C LEU E 228 6.44 -25.31 4.60
N CYS E 229 5.14 -25.02 4.67
CA CYS E 229 4.65 -23.77 5.21
C CYS E 229 5.11 -23.56 6.65
N LYS E 230 5.46 -22.31 6.98
CA LYS E 230 5.95 -21.96 8.30
C LYS E 230 5.40 -20.59 8.68
N ASP E 231 5.82 -20.11 9.84
CA ASP E 231 5.42 -18.79 10.31
C ASP E 231 6.32 -17.70 9.72
N ALA E 232 5.79 -16.49 9.64
CA ALA E 232 6.55 -15.38 9.10
C ALA E 232 7.64 -14.95 10.06
N SER E 233 8.67 -14.30 9.52
CA SER E 233 9.85 -13.95 10.31
C SER E 233 9.62 -12.78 11.24
N ASP E 234 8.61 -11.95 10.99
CA ASP E 234 8.37 -10.76 11.80
C ASP E 234 6.91 -10.71 12.24
N ILE E 235 6.70 -10.20 13.45
CA ILE E 235 5.38 -10.07 14.04
C ILE E 235 5.08 -8.59 14.23
N LEU E 236 3.97 -8.14 13.66
CA LEU E 236 3.62 -6.71 13.65
C LEU E 236 2.82 -6.34 14.89
N GLN E 237 3.47 -6.45 16.04
CA GLN E 237 2.85 -6.12 17.32
C GLN E 237 3.94 -5.93 18.35
N THR E 238 3.83 -4.86 19.15
CA THR E 238 4.83 -4.53 20.14
C THR E 238 4.24 -4.47 21.54
N GLY E 239 3.14 -5.18 21.76
CA GLY E 239 2.49 -5.19 23.06
C GLY E 239 1.14 -5.85 23.01
N THR E 240 0.14 -5.21 23.61
CA THR E 240 -1.24 -5.70 23.58
C THR E 240 -2.07 -4.81 22.69
N ILE E 241 -2.75 -5.40 21.71
CA ILE E 241 -3.57 -4.65 20.77
C ILE E 241 -4.86 -4.30 21.49
N GLN E 242 -4.93 -3.09 22.03
CA GLN E 242 -6.09 -2.62 22.77
C GLN E 242 -5.99 -1.12 23.02
N GLU F 14 -27.93 -37.20 5.82
CA GLU F 14 -27.09 -36.11 6.33
C GLU F 14 -27.46 -34.79 5.66
N ASN F 15 -27.60 -33.75 6.48
CA ASN F 15 -27.89 -32.42 5.95
C ASN F 15 -26.72 -31.90 5.14
N SER F 16 -27.02 -31.25 4.02
CA SER F 16 -26.00 -30.67 3.15
C SER F 16 -25.90 -29.18 3.49
N ASN F 17 -25.24 -28.90 4.61
CA ASN F 17 -25.13 -27.54 5.13
C ASN F 17 -23.67 -27.14 5.37
N SER F 18 -22.77 -27.58 4.48
CA SER F 18 -21.39 -27.14 4.55
C SER F 18 -21.24 -25.77 3.90
N ALA F 19 -20.09 -25.14 4.16
CA ALA F 19 -19.81 -23.82 3.62
C ALA F 19 -19.48 -23.85 2.13
N THR F 20 -19.11 -25.01 1.60
CA THR F 20 -18.75 -25.15 0.19
C THR F 20 -19.74 -26.00 -0.60
N GLU F 21 -20.94 -26.20 -0.08
CA GLU F 21 -21.94 -27.02 -0.77
C GLU F 21 -22.42 -26.35 -2.05
N ASN F 26 -13.02 -29.15 -1.80
CA ASN F 26 -13.32 -30.15 -0.78
C ASN F 26 -14.28 -31.18 -1.33
N TYR F 27 -13.75 -32.34 -1.71
CA TYR F 27 -14.59 -33.35 -2.36
C TYR F 27 -14.58 -34.68 -1.62
N THR F 28 -13.51 -35.00 -0.91
CA THR F 28 -13.41 -36.25 -0.15
C THR F 28 -13.15 -35.93 1.32
N THR F 29 -14.13 -36.21 2.17
CA THR F 29 -14.07 -35.91 3.59
C THR F 29 -14.53 -37.12 4.39
N ILE F 30 -14.44 -37.00 5.71
CA ILE F 30 -14.88 -38.02 6.65
C ILE F 30 -15.75 -37.37 7.71
N ASN F 31 -16.90 -37.98 7.99
CA ASN F 31 -17.84 -37.42 8.95
C ASN F 31 -18.44 -38.53 9.79
N TYR F 32 -18.87 -38.16 11.00
CA TYR F 32 -19.55 -39.08 11.90
C TYR F 32 -20.88 -38.56 12.40
N TYR F 33 -21.28 -37.37 11.98
CA TYR F 33 -22.52 -36.74 12.44
C TYR F 33 -23.42 -36.45 11.25
N LYS F 34 -24.60 -35.92 11.54
CA LYS F 34 -25.58 -35.63 10.51
C LYS F 34 -25.43 -34.25 9.89
N ASP F 35 -24.47 -33.45 10.36
CA ASP F 35 -24.22 -32.11 9.83
C ASP F 35 -22.93 -32.12 9.02
N SER F 36 -22.99 -31.54 7.82
CA SER F 36 -21.85 -31.62 6.91
C SER F 36 -20.69 -30.72 7.36
N TYR F 37 -20.97 -29.67 8.13
CA TYR F 37 -19.90 -28.76 8.50
C TYR F 37 -19.03 -29.30 9.62
N ALA F 38 -19.33 -30.49 10.13
CA ALA F 38 -18.48 -31.12 11.13
C ALA F 38 -17.43 -32.03 10.53
N ALA F 39 -17.39 -32.16 9.20
CA ALA F 39 -16.49 -33.10 8.56
C ALA F 39 -15.07 -32.53 8.51
N THR F 40 -14.15 -33.36 8.03
CA THR F 40 -12.75 -32.97 7.92
C THR F 40 -12.55 -32.03 6.73
N ALA F 41 -11.37 -31.40 6.69
CA ALA F 41 -11.06 -30.50 5.60
C ALA F 41 -10.96 -31.23 4.27
N GLY F 42 -10.32 -32.39 4.25
CA GLY F 42 -10.25 -33.18 3.04
C GLY F 42 -9.27 -32.60 2.02
N LYS F 43 -9.50 -32.99 0.75
CA LYS F 43 -8.65 -32.60 -0.35
C LYS F 43 -9.45 -31.82 -1.39
N GLN F 44 -8.80 -30.87 -2.05
CA GLN F 44 -9.40 -30.09 -3.11
C GLN F 44 -8.90 -30.56 -4.47
N SER F 45 -9.27 -29.82 -5.51
CA SER F 45 -8.80 -30.05 -6.86
C SER F 45 -7.88 -28.90 -7.26
N LEU F 46 -6.82 -29.23 -7.99
CA LEU F 46 -5.76 -28.26 -8.29
C LEU F 46 -6.03 -27.59 -9.63
N LYS F 47 -6.81 -26.52 -9.57
CA LYS F 47 -7.12 -25.68 -10.73
C LYS F 47 -6.70 -24.24 -10.43
N GLN F 48 -6.10 -23.60 -11.43
CA GLN F 48 -5.61 -22.23 -11.29
C GLN F 48 -6.08 -21.39 -12.46
N ASP F 49 -6.32 -20.10 -12.19
CA ASP F 49 -6.70 -19.13 -13.20
C ASP F 49 -5.84 -17.89 -12.99
N PRO F 50 -4.58 -17.93 -13.41
CA PRO F 50 -3.69 -16.78 -13.16
C PRO F 50 -4.03 -15.56 -14.00
N ASP F 51 -4.62 -15.75 -15.18
CA ASP F 51 -4.89 -14.62 -16.07
C ASP F 51 -5.94 -13.67 -15.51
N LYS F 52 -6.70 -14.10 -14.50
CA LYS F 52 -7.69 -13.21 -13.90
C LYS F 52 -7.02 -12.01 -13.25
N PHE F 53 -5.86 -12.21 -12.64
CA PHE F 53 -5.12 -11.13 -11.99
C PHE F 53 -3.88 -10.69 -12.77
N ALA F 54 -3.31 -11.56 -13.61
CA ALA F 54 -2.05 -11.25 -14.27
C ALA F 54 -2.20 -10.69 -15.68
N ASN F 55 -3.33 -10.93 -16.33
CA ASN F 55 -3.47 -10.45 -17.71
C ASN F 55 -4.96 -10.22 -17.96
N PRO F 56 -5.57 -9.21 -17.35
CA PRO F 56 -7.00 -8.93 -17.58
C PRO F 56 -7.24 -7.87 -18.65
N VAL F 57 -6.72 -8.10 -19.85
CA VAL F 57 -6.84 -7.11 -20.93
C VAL F 57 -8.00 -7.52 -21.83
N LYS F 58 -8.62 -6.50 -22.46
CA LYS F 58 -9.73 -6.76 -23.36
C LYS F 58 -9.29 -7.52 -24.60
N ASP F 59 -8.17 -7.12 -25.20
CA ASP F 59 -7.63 -7.76 -26.39
C ASP F 59 -6.32 -8.45 -26.04
N ILE F 60 -6.26 -9.75 -26.29
CA ILE F 60 -5.08 -10.55 -25.94
C ILE F 60 -4.01 -10.34 -26.99
N PHE F 61 -2.76 -10.27 -26.55
CA PHE F 61 -1.61 -10.11 -27.44
C PHE F 61 -0.65 -11.26 -27.26
N THR F 62 -0.14 -11.78 -28.37
CA THR F 62 0.82 -12.87 -28.34
C THR F 62 2.18 -12.36 -27.86
N GLU F 63 2.98 -13.28 -27.31
CA GLU F 63 4.23 -12.86 -26.72
C GLU F 63 5.37 -12.91 -27.73
N MET F 64 5.10 -12.52 -28.97
CA MET F 64 6.11 -12.39 -30.02
C MET F 64 6.06 -10.98 -30.61
N ALA F 65 4.85 -10.43 -30.71
CA ALA F 65 4.67 -9.13 -31.33
C ALA F 65 4.90 -8.02 -30.31
N ALA F 66 5.08 -6.80 -30.83
CA ALA F 66 5.17 -5.63 -29.98
C ALA F 66 3.81 -5.38 -29.33
N PRO F 67 3.76 -5.15 -28.02
CA PRO F 67 2.46 -4.93 -27.36
C PRO F 67 1.70 -3.74 -27.91
N LEU F 68 2.38 -2.68 -28.33
CA LEU F 68 1.71 -1.51 -28.88
C LEU F 68 1.96 -1.38 -30.38
#